data_8GUK
#
_entry.id   8GUK
#
_cell.length_a   1.00
_cell.length_b   1.00
_cell.length_c   1.00
_cell.angle_alpha   90.00
_cell.angle_beta   90.00
_cell.angle_gamma   90.00
#
_symmetry.space_group_name_H-M   'P 1'
#
loop_
_entity.id
_entity.type
_entity.pdbx_description
1 polymer 'Histone H3.1'
2 polymer 'Histone H4'
3 polymer 'Histone H2A type 1'
4 polymer 'Histone H2B type 1-J'
5 polymer 'DNA (147-mer)'
6 polymer 'DNA (147-mer)'
#
loop_
_entity_poly.entity_id
_entity_poly.type
_entity_poly.pdbx_seq_one_letter_code
_entity_poly.pdbx_strand_id
1 'polypeptide(L)'
;MARTKQTARKSTGGKAPRKQLATKAARKSAPATGGVKKPHRYRPGTVALREIRRYQKSTELLIRKLPFQRLVREIAQDFK
TDLRFQSSAVMALQEACEAYLVGLFEDTNLCAIHAKRVTIMPKDIQLARRIRGERA
;
A,E
2 'polypeptide(L)'
;SGRGKGGKGLGKGGAKRHRKVLRDNIQGITKPAIRRLARRGGVKRISGLIYEETRGVLKVFLENVIRDAVTYTEHAKRKT
VTAMDVVYALKRQGRTLYGFGG
;
B,F
3 'polypeptide(L)'
;SGRGKQGGKARAKAKTRSSRAGLQFPVGRVHRLLRKGNYAERVGAGAPVYLAAVLEYLTAEILELAGNAARDNKKTRIIP
RHLQLAIRNDEELNKLLGKVTIAQGGVLPNIQAVLLPKKTESHHKAKGK
;
C,G
4 'polypeptide(L)'
;GSHMPEPAKSAPAPKKGSKKAVTKAQKKDGKKRKRSRKESYSIYVYKVLKQVHPDTGISSKAMGIMNSFVNDIFERIAGE
ASRLAHYNKRSTITSREIQTAVRLLLPGELAKHAVSEGTKAVTKYTSAK
;
D,H
5 'polydeoxyribonucleotide'
;(DC)(DT)(DG)(DG)(DA)(DG)(DA)(DA)(DT)(DC)(DC)(DC)(DG)(DG)(DT)(DG)(DC)(DC)(DG)(DA)
(DG)(DG)(DC)(DC)(DG)(DC)(DT)(DC)(DA)(DA)(DT)(DT)(DG)(DG)(DT)(DC)(DG)(DT)(DA)(DG)
(DA)(DC)(DA)(DG)(DC)(DT)(DC)(DT)(DA)(DG)(DC)(DA)(DC)(DC)(DG)(DC)(DT)(DT)(DA)(DA)
(DA)(DC)(DG)(DC)(DA)(DC)(DG)(DT)(DA)(DC)(DG)(DC)(DG)(DC)(DT)(DG)(DT)(DC)(DC)(DC)
(DC)(DC)(DG)(DC)(DG)(DT)(DT)(DT)(DT)(DA)(DA)(DC)(DC)(DG)(DC)(DC)(DA)(DA)(DG)(DG)
(DG)(DG)(DA)(DT)(DT)(DA)(DC)(DT)(DC)(DC)(DC)(DT)(DA)(DG)(DT)(DC)(DT)(DC)(DC)(DA)
(DG)(DG)(DC)(DA)(DC)(DG)(DT)(DG)(DT)(DC)(DA)(DG)(DA)(DT)(DA)(DT)(DA)(DT)(DA)(DC)
(DA)(DT)(DC)(DC)(DT)(DG)(DT)
;
I
6 'polydeoxyribonucleotide'
;(DA)(DC)(DA)(DG)(DG)(DA)(DT)(DG)(DT)(DA)(DT)(DA)(DT)(DA)(DT)(DC)(DT)(DG)(DA)(DC)
(DA)(DC)(DG)(DT)(DG)(DC)(DC)(DT)(DG)(DG)(DA)(DG)(DA)(DC)(DT)(DA)(DG)(DG)(DG)(DA)
(DG)(DT)(DA)(DA)(DT)(DC)(DC)(DC)(DC)(DT)(DT)(DG)(DG)(DC)(DG)(DG)(DT)(DT)(DA)(DA)
(DA)(DA)(DC)(DG)(DC)(DG)(DG)(DG)(DG)(DG)(DA)(DC)(DA)(DG)(DC)(DG)(DC)(DG)(DT)(DA)
(DC)(DG)(DT)(DG)(DC)(DG)(DT)(DT)(DT)(DA)(DA)(DG)(DC)(DG)(DG)(DT)(DG)(DC)(DT)(DA)
(DG)(DA)(DG)(DC)(DT)(DG)(DT)(DC)(DT)(DA)(DC)(DG)(DA)(DC)(DC)(DA)(DA)(DT)(DT)(DG)
(DA)(DG)(DC)(DG)(DG)(DC)(DC)(DT)(DC)(DG)(DG)(DC)(DA)(DC)(DC)(DG)(DG)(DG)(DA)(DT)
(DT)(DC)(DT)(DC)(DC)(DA)(DG)
;
J
#
loop_
_chem_comp.id
_chem_comp.type
_chem_comp.name
_chem_comp.formula
DA DNA linking 2'-DEOXYADENOSINE-5'-MONOPHOSPHATE 'C10 H14 N5 O6 P'
DC DNA linking 2'-DEOXYCYTIDINE-5'-MONOPHOSPHATE 'C9 H14 N3 O7 P'
DG DNA linking 2'-DEOXYGUANOSINE-5'-MONOPHOSPHATE 'C10 H14 N5 O7 P'
DT DNA linking THYMIDINE-5'-MONOPHOSPHATE 'C10 H15 N2 O8 P'
#
# COMPACT_ATOMS: atom_id res chain seq x y z
N LYS A 38 2.15 -56.96 9.95
CA LYS A 38 1.44 -55.85 9.36
C LYS A 38 2.09 -54.51 9.73
N PRO A 39 2.71 -53.85 8.76
CA PRO A 39 3.30 -52.53 9.02
C PRO A 39 2.25 -51.49 9.38
N HIS A 40 2.64 -50.59 10.26
CA HIS A 40 1.76 -49.50 10.66
C HIS A 40 1.67 -48.45 9.57
N ARG A 41 0.45 -47.98 9.32
CA ARG A 41 0.23 -46.93 8.32
C ARG A 41 -0.82 -45.96 8.86
N TYR A 42 -0.43 -44.71 9.03
CA TYR A 42 -1.40 -43.67 9.35
C TYR A 42 -2.30 -43.43 8.14
N ARG A 43 -3.57 -43.15 8.41
CA ARG A 43 -4.51 -42.86 7.34
C ARG A 43 -4.11 -41.57 6.64
N PRO A 44 -4.40 -41.45 5.34
CA PRO A 44 -3.99 -40.25 4.60
C PRO A 44 -4.61 -39.00 5.19
N GLY A 45 -3.75 -38.04 5.53
CA GLY A 45 -4.20 -36.79 6.10
C GLY A 45 -3.69 -36.53 7.50
N THR A 46 -3.52 -37.59 8.29
CA THR A 46 -3.11 -37.40 9.67
C THR A 46 -1.64 -37.02 9.75
N VAL A 47 -0.79 -37.62 8.92
CA VAL A 47 0.60 -37.19 8.84
C VAL A 47 0.68 -35.77 8.29
N ALA A 48 -0.20 -35.45 7.35
CA ALA A 48 -0.27 -34.09 6.82
C ALA A 48 -0.61 -33.09 7.91
N LEU A 49 -1.58 -33.43 8.77
CA LEU A 49 -1.92 -32.55 9.89
C LEU A 49 -0.78 -32.46 10.89
N ARG A 50 -0.09 -33.58 11.13
CA ARG A 50 1.04 -33.56 12.06
C ARG A 50 2.15 -32.65 11.57
N GLU A 51 2.45 -32.68 10.26
CA GLU A 51 3.48 -31.77 9.77
C GLU A 51 2.96 -30.35 9.61
N ILE A 52 1.65 -30.16 9.45
CA ILE A 52 1.09 -28.82 9.56
C ILE A 52 1.42 -28.23 10.92
N ARG A 53 1.15 -29.01 11.98
CA ARG A 53 1.44 -28.56 13.33
C ARG A 53 2.95 -28.35 13.52
N ARG A 54 3.76 -29.25 12.97
CA ARG A 54 5.21 -29.14 13.13
C ARG A 54 5.75 -27.86 12.48
N TYR A 55 5.34 -27.58 11.24
CA TYR A 55 5.89 -26.43 10.53
C TYR A 55 5.18 -25.13 10.86
N GLN A 56 4.04 -25.18 11.56
CA GLN A 56 3.47 -23.96 12.10
C GLN A 56 4.05 -23.62 13.47
N LYS A 57 4.42 -24.64 14.25
CA LYS A 57 5.11 -24.40 15.52
C LYS A 57 6.53 -23.92 15.28
N SER A 58 7.20 -24.45 14.26
CA SER A 58 8.59 -24.12 14.01
C SER A 58 8.70 -22.74 13.36
N THR A 59 9.95 -22.30 13.18
CA THR A 59 10.18 -20.98 12.62
C THR A 59 11.35 -20.91 11.64
N GLU A 60 11.99 -22.04 11.32
CA GLU A 60 13.16 -22.00 10.46
C GLU A 60 12.75 -21.89 9.00
N LEU A 61 13.73 -21.58 8.15
CA LEU A 61 13.49 -21.51 6.71
C LEU A 61 13.25 -22.90 6.14
N LEU A 62 12.19 -23.04 5.36
CA LEU A 62 11.75 -24.32 4.85
C LEU A 62 12.30 -24.64 3.47
N ILE A 63 13.10 -23.75 2.88
CA ILE A 63 13.71 -23.97 1.58
C ILE A 63 15.21 -24.12 1.79
N ARG A 64 15.81 -25.08 1.08
CA ARG A 64 17.25 -25.29 1.17
C ARG A 64 17.99 -24.02 0.74
N LYS A 65 19.04 -23.69 1.49
CA LYS A 65 19.69 -22.38 1.33
C LYS A 65 20.41 -22.28 -0.01
N LEU A 66 21.20 -23.30 -0.36
CA LEU A 66 22.01 -23.23 -1.58
C LEU A 66 21.17 -23.19 -2.85
N PRO A 67 20.15 -24.03 -3.06
CA PRO A 67 19.32 -23.88 -4.26
C PRO A 67 18.63 -22.52 -4.35
N PHE A 68 18.17 -21.99 -3.23
CA PHE A 68 17.55 -20.67 -3.26
C PHE A 68 18.56 -19.59 -3.62
N GLN A 69 19.77 -19.70 -3.08
CA GLN A 69 20.82 -18.74 -3.43
C GLN A 69 21.17 -18.82 -4.91
N ARG A 70 21.23 -20.03 -5.46
CA ARG A 70 21.48 -20.17 -6.88
C ARG A 70 20.36 -19.56 -7.71
N LEU A 71 19.11 -19.74 -7.29
CA LEU A 71 17.98 -19.13 -8.00
C LEU A 71 18.07 -17.61 -7.95
N VAL A 72 18.41 -17.06 -6.79
CA VAL A 72 18.54 -15.62 -6.64
C VAL A 72 19.64 -15.08 -7.54
N ARG A 73 20.79 -15.76 -7.56
CA ARG A 73 21.89 -15.31 -8.40
C ARG A 73 21.56 -15.43 -9.89
N GLU A 74 20.81 -16.45 -10.27
CA GLU A 74 20.37 -16.58 -11.66
C GLU A 74 19.47 -15.42 -12.07
N ILE A 75 18.50 -15.09 -11.22
CA ILE A 75 17.60 -13.97 -11.54
C ILE A 75 18.39 -12.66 -11.59
N ALA A 76 19.29 -12.46 -10.64
CA ALA A 76 20.10 -11.25 -10.63
C ALA A 76 20.96 -11.14 -11.88
N GLN A 77 21.57 -12.25 -12.31
CA GLN A 77 22.36 -12.24 -13.53
C GLN A 77 21.49 -11.98 -14.75
N ASP A 78 20.21 -12.35 -14.68
CA ASP A 78 19.27 -11.91 -15.71
C ASP A 78 19.08 -10.40 -15.67
N PHE A 79 19.19 -9.80 -14.49
CA PHE A 79 19.05 -8.34 -14.40
C PHE A 79 20.37 -7.60 -14.60
N LYS A 80 21.40 -7.93 -13.82
CA LYS A 80 22.69 -7.28 -13.97
C LYS A 80 23.80 -8.31 -13.91
N THR A 81 24.80 -8.14 -14.77
CA THR A 81 25.87 -9.12 -14.91
C THR A 81 26.83 -9.05 -13.72
N ASP A 82 27.35 -10.21 -13.34
CA ASP A 82 28.34 -10.43 -12.28
C ASP A 82 28.08 -9.57 -11.04
N LEU A 83 26.88 -9.74 -10.50
CA LEU A 83 26.53 -9.10 -9.24
C LEU A 83 27.13 -9.87 -8.07
N ARG A 84 27.10 -9.25 -6.90
CA ARG A 84 27.51 -9.88 -5.66
C ARG A 84 26.43 -9.67 -4.61
N PHE A 85 26.30 -10.65 -3.73
CA PHE A 85 25.27 -10.65 -2.71
C PHE A 85 25.90 -10.81 -1.34
N GLN A 86 25.51 -9.95 -0.40
CA GLN A 86 25.80 -10.22 0.99
C GLN A 86 25.00 -11.43 1.44
N SER A 87 25.54 -12.15 2.42
CA SER A 87 24.81 -13.30 2.97
C SER A 87 23.50 -12.86 3.58
N SER A 88 23.49 -11.68 4.23
CA SER A 88 22.26 -11.15 4.79
C SER A 88 21.27 -10.76 3.69
N ALA A 89 21.75 -10.38 2.51
CA ALA A 89 20.85 -10.05 1.41
C ALA A 89 20.08 -11.28 0.95
N VAL A 90 20.78 -12.39 0.76
CA VAL A 90 20.13 -13.64 0.36
C VAL A 90 19.24 -14.15 1.48
N MET A 91 19.66 -13.99 2.74
CA MET A 91 18.81 -14.38 3.86
C MET A 91 17.53 -13.57 3.91
N ALA A 92 17.61 -12.27 3.69
CA ALA A 92 16.40 -11.43 3.66
C ALA A 92 15.50 -11.81 2.52
N LEU A 93 16.08 -12.10 1.34
CA LEU A 93 15.29 -12.54 0.21
C LEU A 93 14.57 -13.84 0.52
N GLN A 94 15.26 -14.78 1.18
CA GLN A 94 14.63 -16.06 1.51
C GLN A 94 13.53 -15.89 2.54
N GLU A 95 13.76 -15.07 3.56
CA GLU A 95 12.72 -14.80 4.56
C GLU A 95 11.49 -14.20 3.90
N ALA A 96 11.69 -13.22 3.02
CA ALA A 96 10.57 -12.58 2.36
C ALA A 96 9.83 -13.54 1.44
N CYS A 97 10.56 -14.33 0.66
CA CYS A 97 9.92 -15.26 -0.26
C CYS A 97 9.14 -16.33 0.49
N GLU A 98 9.70 -16.85 1.59
CA GLU A 98 8.96 -17.84 2.37
C GLU A 98 7.73 -17.24 3.02
N ALA A 99 7.83 -16.01 3.55
CA ALA A 99 6.65 -15.37 4.12
C ALA A 99 5.57 -15.16 3.06
N TYR A 100 5.98 -14.72 1.87
CA TYR A 100 5.02 -14.51 0.78
C TYR A 100 4.35 -15.81 0.38
N LEU A 101 5.13 -16.88 0.26
CA LEU A 101 4.57 -18.17 -0.16
C LEU A 101 3.65 -18.74 0.91
N VAL A 102 3.99 -18.57 2.18
CA VAL A 102 3.13 -19.07 3.24
C VAL A 102 1.81 -18.30 3.27
N GLY A 103 1.86 -16.97 3.15
CA GLY A 103 0.62 -16.21 3.08
C GLY A 103 -0.22 -16.56 1.86
N LEU A 104 0.44 -16.75 0.72
CA LEU A 104 -0.27 -17.14 -0.50
C LEU A 104 -0.91 -18.50 -0.33
N PHE A 105 -0.24 -19.42 0.34
CA PHE A 105 -0.82 -20.74 0.57
C PHE A 105 -1.97 -20.68 1.57
N GLU A 106 -1.93 -19.76 2.54
CA GLU A 106 -3.08 -19.57 3.42
C GLU A 106 -4.29 -19.11 2.63
N ASP A 107 -4.09 -18.11 1.76
CA ASP A 107 -5.21 -17.65 0.92
C ASP A 107 -5.68 -18.73 -0.04
N THR A 108 -4.74 -19.52 -0.57
CA THR A 108 -5.08 -20.62 -1.47
C THR A 108 -5.89 -21.69 -0.75
N ASN A 109 -5.53 -22.01 0.48
CA ASN A 109 -6.29 -22.96 1.28
C ASN A 109 -7.69 -22.44 1.55
N LEU A 110 -7.81 -21.13 1.82
CA LEU A 110 -9.14 -20.54 1.97
C LEU A 110 -9.96 -20.68 0.69
N CYS A 111 -9.33 -20.44 -0.46
CA CYS A 111 -10.03 -20.59 -1.74
C CYS A 111 -10.48 -22.03 -1.96
N ALA A 112 -9.61 -23.00 -1.66
CA ALA A 112 -9.95 -24.40 -1.85
C ALA A 112 -11.09 -24.82 -0.94
N ILE A 113 -11.07 -24.38 0.32
CA ILE A 113 -12.14 -24.71 1.25
C ILE A 113 -13.44 -24.04 0.83
N HIS A 114 -13.34 -22.84 0.24
CA HIS A 114 -14.53 -22.17 -0.26
C HIS A 114 -15.23 -22.97 -1.34
N ALA A 115 -14.48 -23.73 -2.14
CA ALA A 115 -15.04 -24.56 -3.19
C ALA A 115 -15.42 -25.94 -2.69
N LYS A 116 -15.62 -26.10 -1.38
CA LYS A 116 -15.96 -27.38 -0.76
C LYS A 116 -14.93 -28.45 -1.08
N ARG A 117 -13.66 -28.06 -1.07
CA ARG A 117 -12.54 -28.97 -1.30
C ARG A 117 -11.55 -28.83 -0.16
N VAL A 118 -10.77 -29.89 0.05
CA VAL A 118 -9.64 -29.85 0.97
C VAL A 118 -8.31 -29.87 0.25
N THR A 119 -8.30 -30.06 -1.07
CA THR A 119 -7.09 -30.06 -1.86
C THR A 119 -6.94 -28.71 -2.53
N ILE A 120 -5.77 -28.09 -2.39
CA ILE A 120 -5.47 -26.87 -3.11
C ILE A 120 -5.12 -27.20 -4.54
N MET A 121 -5.56 -26.37 -5.46
CA MET A 121 -5.37 -26.56 -6.90
C MET A 121 -4.87 -25.25 -7.49
N PRO A 122 -4.25 -25.30 -8.67
CA PRO A 122 -3.75 -24.05 -9.28
C PRO A 122 -4.83 -23.01 -9.49
N LYS A 123 -6.09 -23.42 -9.66
CA LYS A 123 -7.18 -22.44 -9.72
C LYS A 123 -7.31 -21.67 -8.42
N ASP A 124 -7.07 -22.34 -7.29
CA ASP A 124 -7.12 -21.65 -6.00
C ASP A 124 -6.00 -20.60 -5.90
N ILE A 125 -4.80 -20.96 -6.33
CA ILE A 125 -3.68 -20.00 -6.31
C ILE A 125 -3.99 -18.82 -7.23
N GLN A 126 -4.53 -19.10 -8.42
CA GLN A 126 -4.84 -18.04 -9.36
C GLN A 126 -5.93 -17.12 -8.81
N LEU A 127 -6.94 -17.68 -8.18
CA LEU A 127 -7.99 -16.85 -7.58
C LEU A 127 -7.44 -15.99 -6.45
N ALA A 128 -6.59 -16.58 -5.60
CA ALA A 128 -6.01 -15.82 -4.49
C ALA A 128 -5.16 -14.67 -5.01
N ARG A 129 -4.32 -14.93 -6.02
CA ARG A 129 -3.48 -13.87 -6.57
C ARG A 129 -4.31 -12.81 -7.28
N ARG A 130 -5.38 -13.23 -7.96
CA ARG A 130 -6.25 -12.28 -8.64
C ARG A 130 -6.95 -11.35 -7.65
N ILE A 131 -7.46 -11.91 -6.54
CA ILE A 131 -8.12 -11.08 -5.55
C ILE A 131 -7.12 -10.17 -4.83
N ARG A 132 -5.93 -10.72 -4.52
CA ARG A 132 -4.88 -9.89 -3.92
C ARG A 132 -4.39 -8.82 -4.88
N GLY A 133 -4.65 -8.97 -6.17
CA GLY A 133 -4.21 -8.03 -7.18
C GLY A 133 -2.83 -8.30 -7.74
N GLU A 134 -2.21 -9.41 -7.36
CA GLU A 134 -0.86 -9.73 -7.82
C GLU A 134 -0.81 -10.10 -9.29
N ARG A 135 -1.94 -10.43 -9.90
CA ARG A 135 -1.97 -10.77 -11.32
C ARG A 135 -1.85 -9.53 -12.19
N LEU B 22 24.31 -19.70 -14.41
CA LEU B 22 23.32 -20.52 -13.71
C LEU B 22 22.09 -20.72 -14.57
N ARG B 23 21.47 -21.89 -14.46
CA ARG B 23 20.30 -22.21 -15.26
C ARG B 23 19.45 -23.25 -14.54
N ASP B 24 18.15 -23.24 -14.86
CA ASP B 24 17.13 -24.16 -14.31
C ASP B 24 17.26 -24.36 -12.80
N ASN B 25 17.56 -23.29 -12.07
CA ASN B 25 17.66 -23.37 -10.62
C ASN B 25 16.31 -23.27 -9.94
N ILE B 26 15.24 -22.98 -10.68
CA ILE B 26 13.90 -22.97 -10.09
C ILE B 26 13.50 -24.39 -9.68
N GLN B 27 14.09 -25.40 -10.31
CA GLN B 27 13.84 -26.77 -9.89
C GLN B 27 14.49 -27.09 -8.55
N GLY B 28 15.41 -26.24 -8.08
CA GLY B 28 15.92 -26.37 -6.73
C GLY B 28 14.89 -26.13 -5.66
N ILE B 29 13.82 -25.39 -5.99
CA ILE B 29 12.68 -25.27 -5.09
C ILE B 29 11.87 -26.54 -5.24
N THR B 30 12.20 -27.54 -4.44
CA THR B 30 11.73 -28.89 -4.68
C THR B 30 10.28 -29.06 -4.25
N LYS B 31 9.71 -30.20 -4.65
CA LYS B 31 8.36 -30.54 -4.21
C LYS B 31 8.24 -30.65 -2.70
N PRO B 32 9.13 -31.33 -1.96
CA PRO B 32 9.00 -31.31 -0.50
C PRO B 32 9.13 -29.93 0.13
N ALA B 33 9.95 -29.04 -0.44
CA ALA B 33 10.05 -27.69 0.10
C ALA B 33 8.73 -26.93 -0.06
N ILE B 34 8.11 -27.03 -1.22
CA ILE B 34 6.81 -26.40 -1.44
C ILE B 34 5.76 -27.03 -0.55
N ARG B 35 5.86 -28.34 -0.32
CA ARG B 35 4.94 -29.01 0.61
C ARG B 35 5.11 -28.48 2.02
N ARG B 36 6.35 -28.25 2.46
CA ARG B 36 6.59 -27.68 3.78
C ARG B 36 6.03 -26.27 3.88
N LEU B 37 6.23 -25.47 2.83
CA LEU B 37 5.67 -24.11 2.82
C LEU B 37 4.16 -24.15 2.89
N ALA B 38 3.53 -25.11 2.21
CA ALA B 38 2.08 -25.27 2.29
C ALA B 38 1.65 -25.72 3.67
N ARG B 39 2.41 -26.62 4.30
CA ARG B 39 2.09 -27.08 5.65
C ARG B 39 2.14 -25.93 6.64
N ARG B 40 3.12 -25.04 6.49
CA ARG B 40 3.14 -23.84 7.32
C ARG B 40 1.94 -22.96 7.05
N GLY B 41 1.42 -22.99 5.82
CA GLY B 41 0.20 -22.30 5.49
C GLY B 41 -1.07 -23.04 5.86
N GLY B 42 -0.95 -24.17 6.56
CA GLY B 42 -2.10 -24.95 6.96
C GLY B 42 -2.81 -25.65 5.82
N VAL B 43 -2.06 -26.13 4.83
CA VAL B 43 -2.63 -26.86 3.70
C VAL B 43 -2.52 -28.36 3.98
N LYS B 44 -3.65 -29.06 3.83
CA LYS B 44 -3.69 -30.48 4.14
C LYS B 44 -3.41 -31.34 2.92
N ARG B 45 -4.05 -31.04 1.79
CA ARG B 45 -3.90 -31.82 0.58
C ARG B 45 -3.47 -30.92 -0.57
N ILE B 46 -2.55 -31.41 -1.39
CA ILE B 46 -1.88 -30.62 -2.41
C ILE B 46 -2.03 -31.31 -3.76
N SER B 47 -2.52 -30.60 -4.75
CA SER B 47 -2.60 -31.14 -6.10
C SER B 47 -1.20 -31.28 -6.71
N GLY B 48 -1.09 -32.17 -7.68
CA GLY B 48 0.19 -32.39 -8.33
C GLY B 48 0.66 -31.19 -9.15
N LEU B 49 -0.28 -30.42 -9.69
CA LEU B 49 0.07 -29.26 -10.49
C LEU B 49 0.42 -28.03 -9.65
N ILE B 50 0.29 -28.13 -8.33
CA ILE B 50 0.54 -26.99 -7.46
C ILE B 50 2.02 -26.59 -7.49
N TYR B 51 2.92 -27.56 -7.61
CA TYR B 51 4.34 -27.28 -7.46
C TYR B 51 4.87 -26.40 -8.58
N GLU B 52 4.48 -26.67 -9.83
CA GLU B 52 4.94 -25.84 -10.94
C GLU B 52 4.34 -24.44 -10.86
N GLU B 53 3.06 -24.35 -10.46
CA GLU B 53 2.43 -23.05 -10.27
C GLU B 53 3.13 -22.25 -9.19
N THR B 54 3.48 -22.91 -8.09
CA THR B 54 4.19 -22.23 -7.00
C THR B 54 5.57 -21.78 -7.43
N ARG B 55 6.27 -22.60 -8.22
CA ARG B 55 7.55 -22.18 -8.77
C ARG B 55 7.40 -20.96 -9.65
N GLY B 56 6.35 -20.91 -10.46
CA GLY B 56 6.12 -19.74 -11.30
C GLY B 56 5.85 -18.48 -10.50
N VAL B 57 4.97 -18.57 -9.50
CA VAL B 57 4.63 -17.38 -8.73
C VAL B 57 5.82 -16.93 -7.88
N LEU B 58 6.60 -17.89 -7.36
CA LEU B 58 7.81 -17.53 -6.63
C LEU B 58 8.82 -16.86 -7.55
N LYS B 59 8.94 -17.35 -8.79
CA LYS B 59 9.85 -16.72 -9.74
C LYS B 59 9.42 -15.29 -10.04
N VAL B 60 8.12 -15.06 -10.19
CA VAL B 60 7.64 -13.70 -10.46
C VAL B 60 7.93 -12.78 -9.28
N PHE B 61 7.61 -13.23 -8.06
CA PHE B 61 7.85 -12.41 -6.87
C PHE B 61 9.34 -12.11 -6.71
N LEU B 62 10.18 -13.14 -6.88
CA LEU B 62 11.62 -12.97 -6.76
C LEU B 62 12.16 -12.03 -7.83
N GLU B 63 11.64 -12.13 -9.05
CA GLU B 63 12.07 -11.24 -10.11
C GLU B 63 11.76 -9.80 -9.78
N ASN B 64 10.55 -9.53 -9.27
CA ASN B 64 10.20 -8.16 -8.91
C ASN B 64 11.11 -7.61 -7.81
N VAL B 65 11.26 -8.38 -6.73
CA VAL B 65 12.05 -7.91 -5.60
C VAL B 65 13.50 -7.72 -5.99
N ILE B 66 14.08 -8.68 -6.71
CA ILE B 66 15.47 -8.57 -7.12
C ILE B 66 15.67 -7.44 -8.11
N ARG B 67 14.70 -7.20 -9.00
CA ARG B 67 14.84 -6.07 -9.92
C ARG B 67 14.92 -4.76 -9.17
N ASP B 68 14.03 -4.57 -8.19
CA ASP B 68 14.08 -3.34 -7.40
C ASP B 68 15.38 -3.25 -6.59
N ALA B 69 15.81 -4.37 -6.01
CA ALA B 69 17.03 -4.36 -5.20
C ALA B 69 18.26 -4.04 -6.05
N VAL B 70 18.33 -4.61 -7.26
CA VAL B 70 19.45 -4.34 -8.14
C VAL B 70 19.40 -2.89 -8.63
N THR B 71 18.20 -2.35 -8.81
CA THR B 71 18.09 -0.92 -9.12
C THR B 71 18.67 -0.07 -8.00
N TYR B 72 18.34 -0.42 -6.75
CA TYR B 72 18.93 0.29 -5.62
C TYR B 72 20.45 0.15 -5.59
N THR B 73 20.94 -1.05 -5.88
CA THR B 73 22.38 -1.29 -5.89
C THR B 73 23.07 -0.46 -6.96
N GLU B 74 22.49 -0.40 -8.16
CA GLU B 74 23.07 0.36 -9.25
C GLU B 74 23.04 1.86 -8.96
N HIS B 75 22.03 2.33 -8.23
CA HIS B 75 21.99 3.74 -7.88
C HIS B 75 23.17 4.12 -6.99
N ALA B 76 23.54 3.24 -6.07
CA ALA B 76 24.65 3.51 -5.15
C ALA B 76 26.00 3.32 -5.80
N LYS B 77 26.05 3.04 -7.10
CA LYS B 77 27.28 2.73 -7.82
C LYS B 77 27.99 1.54 -7.20
N ARG B 78 27.24 0.64 -6.59
CA ARG B 78 27.78 -0.55 -5.95
C ARG B 78 27.68 -1.76 -6.88
N LYS B 79 28.51 -2.76 -6.58
CA LYS B 79 28.46 -4.02 -7.28
C LYS B 79 28.04 -5.16 -6.39
N THR B 80 27.76 -4.89 -5.11
CA THR B 80 27.30 -5.88 -4.15
C THR B 80 25.89 -5.53 -3.71
N VAL B 81 24.97 -6.48 -3.86
CA VAL B 81 23.59 -6.30 -3.40
C VAL B 81 23.59 -6.49 -1.89
N THR B 82 23.29 -5.43 -1.16
CA THR B 82 23.29 -5.48 0.30
C THR B 82 21.91 -5.84 0.83
N ALA B 83 21.84 -6.12 2.13
CA ALA B 83 20.55 -6.39 2.76
C ALA B 83 19.69 -5.14 2.79
N MET B 84 20.31 -3.97 2.83
CA MET B 84 19.55 -2.72 2.79
C MET B 84 18.81 -2.57 1.46
N ASP B 85 19.47 -2.92 0.36
CA ASP B 85 18.81 -2.90 -0.95
C ASP B 85 17.61 -3.83 -0.96
N VAL B 86 17.76 -5.02 -0.38
CA VAL B 86 16.67 -5.99 -0.36
C VAL B 86 15.50 -5.47 0.47
N VAL B 87 15.77 -4.91 1.65
CA VAL B 87 14.66 -4.45 2.49
C VAL B 87 14.00 -3.21 1.90
N TYR B 88 14.76 -2.33 1.24
CA TYR B 88 14.15 -1.20 0.56
C TYR B 88 13.27 -1.66 -0.60
N ALA B 89 13.75 -2.64 -1.36
CA ALA B 89 12.94 -3.21 -2.43
C ALA B 89 11.66 -3.83 -1.87
N LEU B 90 11.77 -4.56 -0.77
CA LEU B 90 10.62 -5.22 -0.18
C LEU B 90 9.59 -4.22 0.32
N LYS B 91 10.03 -3.20 1.05
CA LYS B 91 9.10 -2.20 1.54
C LYS B 91 8.56 -1.33 0.41
N ARG B 92 9.23 -1.33 -0.76
CA ARG B 92 8.65 -0.68 -1.92
C ARG B 92 7.45 -1.45 -2.45
N GLN B 93 7.50 -2.78 -2.40
CA GLN B 93 6.38 -3.61 -2.85
C GLN B 93 5.28 -3.75 -1.82
N GLY B 94 5.42 -3.11 -0.65
CA GLY B 94 4.49 -3.36 0.43
C GLY B 94 4.74 -4.64 1.16
N ARG B 95 5.99 -5.11 1.18
CA ARG B 95 6.37 -6.35 1.84
C ARG B 95 7.47 -6.05 2.87
N THR B 96 7.26 -5.01 3.67
CA THR B 96 8.29 -4.52 4.59
C THR B 96 8.74 -5.61 5.56
N LEU B 97 10.05 -5.76 5.67
CA LEU B 97 10.66 -6.88 6.39
C LEU B 97 11.46 -6.36 7.57
N TYR B 98 11.25 -6.96 8.73
CA TYR B 98 12.00 -6.65 9.93
C TYR B 98 13.11 -7.68 10.13
N GLY B 99 14.17 -7.24 10.80
CA GLY B 99 15.27 -8.13 11.14
C GLY B 99 16.52 -7.98 10.31
N PHE B 100 16.56 -7.03 9.38
CA PHE B 100 17.76 -6.82 8.59
C PHE B 100 18.12 -5.35 8.47
N GLY B 101 17.56 -4.48 9.31
CA GLY B 101 17.82 -3.06 9.23
C GLY B 101 16.62 -2.27 8.75
N ALA C 10 21.81 45.38 -19.35
CA ALA C 10 20.96 44.83 -20.40
C ALA C 10 20.90 43.31 -20.31
N ARG C 11 19.76 42.80 -19.86
CA ARG C 11 19.56 41.36 -19.73
C ARG C 11 19.18 40.76 -21.08
N ALA C 12 19.63 39.52 -21.28
CA ALA C 12 19.25 38.78 -22.48
C ALA C 12 17.78 38.38 -22.43
N LYS C 13 17.24 38.02 -23.58
CA LYS C 13 15.85 37.63 -23.67
C LYS C 13 15.60 36.38 -22.83
N ALA C 14 14.56 36.42 -22.00
CA ALA C 14 14.26 35.31 -21.12
C ALA C 14 13.79 34.09 -21.92
N LYS C 15 14.32 32.93 -21.55
CA LYS C 15 13.92 31.66 -22.17
C LYS C 15 13.55 30.72 -21.04
N THR C 16 12.31 30.24 -21.05
CA THR C 16 11.85 29.29 -20.04
C THR C 16 12.67 28.02 -20.13
N ARG C 17 13.00 27.43 -18.98
CA ARG C 17 13.76 26.19 -18.97
C ARG C 17 13.01 25.04 -19.63
N SER C 18 11.68 25.12 -19.67
CA SER C 18 10.91 24.15 -20.44
C SER C 18 11.21 24.26 -21.92
N SER C 19 11.29 25.50 -22.43
CA SER C 19 11.67 25.69 -23.83
C SER C 19 13.11 25.28 -24.07
N ARG C 20 13.99 25.54 -23.12
CA ARG C 20 15.38 25.15 -23.25
C ARG C 20 15.54 23.63 -23.25
N ALA C 21 14.64 22.93 -22.56
CA ALA C 21 14.65 21.47 -22.54
C ALA C 21 13.73 20.86 -23.59
N GLY C 22 13.05 21.68 -24.39
CA GLY C 22 12.11 21.16 -25.37
C GLY C 22 10.91 20.47 -24.76
N LEU C 23 10.38 21.02 -23.67
CA LEU C 23 9.28 20.41 -22.94
C LEU C 23 8.08 21.33 -22.91
N GLN C 24 6.91 20.74 -22.72
CA GLN C 24 5.68 21.50 -22.51
C GLN C 24 5.41 21.70 -21.02
N PHE C 25 5.68 20.69 -20.21
CA PHE C 25 5.48 20.80 -18.77
C PHE C 25 6.50 21.78 -18.16
N PRO C 26 6.11 22.49 -17.10
CA PRO C 26 6.94 23.59 -16.58
C PRO C 26 8.12 23.08 -15.77
N VAL C 27 9.33 23.30 -16.30
CA VAL C 27 10.52 22.93 -15.54
C VAL C 27 10.68 23.82 -14.32
N GLY C 28 10.36 25.11 -14.46
CA GLY C 28 10.49 26.02 -13.33
C GLY C 28 9.53 25.71 -12.21
N ARG C 29 8.27 25.46 -12.54
CA ARG C 29 7.29 25.11 -11.51
C ARG C 29 7.63 23.78 -10.84
N VAL C 30 8.10 22.81 -11.63
CA VAL C 30 8.51 21.53 -11.05
C VAL C 30 9.69 21.72 -10.11
N HIS C 31 10.65 22.57 -10.50
CA HIS C 31 11.79 22.84 -9.64
C HIS C 31 11.36 23.50 -8.34
N ARG C 32 10.45 24.47 -8.43
CA ARG C 32 9.95 25.13 -7.24
C ARG C 32 9.21 24.16 -6.34
N LEU C 33 8.40 23.27 -6.92
CA LEU C 33 7.67 22.29 -6.12
C LEU C 33 8.62 21.30 -5.47
N LEU C 34 9.71 20.94 -6.16
CA LEU C 34 10.72 20.07 -5.56
C LEU C 34 11.40 20.76 -4.39
N ARG C 35 11.73 22.03 -4.54
CA ARG C 35 12.43 22.75 -3.48
C ARG C 35 11.50 23.11 -2.33
N LYS C 36 10.19 23.11 -2.58
CA LYS C 36 9.22 23.45 -1.55
C LYS C 36 8.54 22.25 -0.91
N GLY C 37 8.63 21.06 -1.49
CA GLY C 37 8.02 19.88 -0.89
C GLY C 37 8.95 19.19 0.06
N ASN C 38 10.09 19.85 0.35
CA ASN C 38 11.20 19.35 1.16
C ASN C 38 11.49 17.88 0.93
N TYR C 39 11.70 17.50 -0.33
CA TYR C 39 12.17 16.16 -0.62
C TYR C 39 13.65 16.01 -0.32
N ALA C 40 14.43 17.08 -0.51
CA ALA C 40 15.82 17.11 -0.09
C ALA C 40 16.20 18.56 0.11
N GLU C 41 17.30 18.77 0.86
CA GLU C 41 17.74 20.14 1.11
C GLU C 41 18.31 20.81 -0.13
N ARG C 42 18.68 20.05 -1.15
CA ARG C 42 19.15 20.59 -2.40
C ARG C 42 18.48 19.85 -3.55
N VAL C 43 18.24 20.58 -4.64
CA VAL C 43 17.67 20.02 -5.85
C VAL C 43 18.57 20.39 -7.02
N GLY C 44 18.97 19.39 -7.79
CA GLY C 44 19.87 19.62 -8.89
C GLY C 44 19.22 20.39 -10.02
N ALA C 45 20.06 20.83 -10.97
CA ALA C 45 19.55 21.58 -12.11
C ALA C 45 18.77 20.67 -13.06
N GLY C 46 19.28 19.46 -13.30
CA GLY C 46 18.65 18.56 -14.24
C GLY C 46 17.50 17.75 -13.69
N ALA C 47 17.35 17.68 -12.37
CA ALA C 47 16.25 16.92 -11.77
C ALA C 47 14.88 17.45 -12.15
N PRO C 48 14.58 18.76 -12.07
CA PRO C 48 13.25 19.20 -12.51
C PRO C 48 12.98 18.97 -13.98
N VAL C 49 13.99 19.12 -14.84
CA VAL C 49 13.75 18.90 -16.27
C VAL C 49 13.52 17.42 -16.55
N TYR C 50 14.25 16.53 -15.86
CA TYR C 50 14.01 15.11 -16.00
C TYR C 50 12.60 14.74 -15.53
N LEU C 51 12.20 15.26 -14.37
CA LEU C 51 10.88 14.95 -13.84
C LEU C 51 9.77 15.51 -14.72
N ALA C 52 9.97 16.72 -15.25
CA ALA C 52 8.99 17.31 -16.15
C ALA C 52 8.88 16.51 -17.44
N ALA C 53 10.01 16.01 -17.96
CA ALA C 53 9.97 15.17 -19.14
C ALA C 53 9.21 13.88 -18.87
N VAL C 54 9.44 13.26 -17.72
CA VAL C 54 8.73 12.02 -17.39
C VAL C 54 7.23 12.28 -17.24
N LEU C 55 6.87 13.34 -16.54
CA LEU C 55 5.45 13.67 -16.36
C LEU C 55 4.78 13.98 -17.68
N GLU C 56 5.47 14.73 -18.56
CA GLU C 56 4.91 15.05 -19.86
C GLU C 56 4.75 13.80 -20.72
N TYR C 57 5.71 12.88 -20.64
CA TYR C 57 5.58 11.63 -21.39
C TYR C 57 4.40 10.80 -20.90
N LEU C 58 4.23 10.70 -19.58
CA LEU C 58 3.11 9.94 -19.05
C LEU C 58 1.78 10.58 -19.43
N THR C 59 1.71 11.91 -19.36
CA THR C 59 0.52 12.62 -19.80
C THR C 59 0.25 12.37 -21.28
N ALA C 60 1.30 12.40 -22.10
CA ALA C 60 1.13 12.14 -23.54
C ALA C 60 0.62 10.75 -23.80
N GLU C 61 1.15 9.75 -23.09
CA GLU C 61 0.71 8.37 -23.27
C GLU C 61 -0.77 8.21 -22.91
N ILE C 62 -1.15 8.68 -21.72
CA ILE C 62 -2.53 8.48 -21.28
C ILE C 62 -3.48 9.32 -22.13
N LEU C 63 -3.07 10.51 -22.58
CA LEU C 63 -3.95 11.33 -23.41
C LEU C 63 -4.08 10.76 -24.81
N GLU C 64 -3.01 10.16 -25.35
CA GLU C 64 -3.11 9.48 -26.63
C GLU C 64 -4.11 8.34 -26.56
N LEU C 65 -4.01 7.51 -25.53
CA LEU C 65 -4.95 6.39 -25.39
C LEU C 65 -6.37 6.88 -25.16
N ALA C 66 -6.54 7.93 -24.35
CA ALA C 66 -7.87 8.45 -24.06
C ALA C 66 -8.50 9.11 -25.29
N GLY C 67 -7.70 9.80 -26.09
CA GLY C 67 -8.22 10.35 -27.33
C GLY C 67 -8.60 9.27 -28.33
N ASN C 68 -7.83 8.18 -28.37
CA ASN C 68 -8.23 7.04 -29.19
C ASN C 68 -9.55 6.47 -28.72
N ALA C 69 -9.73 6.35 -27.40
CA ALA C 69 -11.00 5.87 -26.86
C ALA C 69 -12.15 6.80 -27.21
N ALA C 70 -11.91 8.12 -27.13
CA ALA C 70 -12.93 9.09 -27.48
C ALA C 70 -13.31 8.99 -28.95
N ARG C 71 -12.32 8.82 -29.83
CA ARG C 71 -12.61 8.63 -31.25
C ARG C 71 -13.43 7.36 -31.47
N ASP C 72 -13.06 6.28 -30.78
CA ASP C 72 -13.84 5.05 -30.88
C ASP C 72 -15.24 5.19 -30.30
N ASN C 73 -15.47 6.20 -29.45
CA ASN C 73 -16.78 6.48 -28.89
C ASN C 73 -17.52 7.58 -29.67
N LYS C 74 -16.99 7.98 -30.83
CA LYS C 74 -17.58 9.02 -31.67
C LYS C 74 -17.74 10.34 -30.92
N LYS C 75 -16.75 10.70 -30.11
CA LYS C 75 -16.75 11.95 -29.39
C LYS C 75 -15.40 12.63 -29.55
N THR C 76 -15.41 13.95 -29.67
CA THR C 76 -14.20 14.74 -29.84
C THR C 76 -13.71 15.37 -28.56
N ARG C 77 -14.29 15.00 -27.42
CA ARG C 77 -13.89 15.55 -26.13
C ARG C 77 -13.61 14.41 -25.17
N ILE C 78 -12.45 14.48 -24.51
CA ILE C 78 -12.08 13.44 -23.55
C ILE C 78 -12.86 13.67 -22.26
N ILE C 79 -13.54 12.62 -21.81
CA ILE C 79 -14.30 12.65 -20.57
C ILE C 79 -13.70 11.61 -19.64
N PRO C 80 -14.06 11.61 -18.35
CA PRO C 80 -13.51 10.60 -17.43
C PRO C 80 -13.69 9.16 -17.88
N ARG C 81 -14.77 8.84 -18.60
CA ARG C 81 -14.96 7.48 -19.11
C ARG C 81 -13.84 7.09 -20.06
N HIS C 82 -13.44 8.01 -20.94
CA HIS C 82 -12.38 7.71 -21.89
C HIS C 82 -11.04 7.52 -21.19
N LEU C 83 -10.76 8.32 -20.16
CA LEU C 83 -9.55 8.13 -19.38
C LEU C 83 -9.56 6.77 -18.68
N GLN C 84 -10.71 6.37 -18.12
CA GLN C 84 -10.81 5.07 -17.48
C GLN C 84 -10.58 3.95 -18.46
N LEU C 85 -11.19 4.02 -19.65
CA LEU C 85 -10.98 2.99 -20.66
C LEU C 85 -9.52 2.93 -21.09
N ALA C 86 -8.89 4.09 -21.28
CA ALA C 86 -7.49 4.14 -21.67
C ALA C 86 -6.59 3.51 -20.61
N ILE C 87 -6.85 3.82 -19.35
CA ILE C 87 -6.00 3.29 -18.27
C ILE C 87 -6.20 1.79 -18.12
N ARG C 88 -7.45 1.33 -18.11
CA ARG C 88 -7.70 -0.07 -17.81
C ARG C 88 -7.38 -0.99 -18.98
N ASN C 89 -7.47 -0.49 -20.22
CA ASN C 89 -7.14 -1.33 -21.36
C ASN C 89 -5.63 -1.52 -21.49
N ASP C 90 -4.84 -0.49 -21.16
CA ASP C 90 -3.40 -0.58 -21.24
C ASP C 90 -2.87 -1.23 -19.96
N GLU C 91 -2.25 -2.39 -20.09
CA GLU C 91 -1.91 -3.18 -18.89
C GLU C 91 -0.80 -2.54 -18.08
N GLU C 92 0.15 -1.85 -18.73
CA GLU C 92 1.18 -1.15 -17.98
C GLU C 92 0.62 0.08 -17.28
N LEU C 93 -0.20 0.85 -18.00
CA LEU C 93 -0.88 1.99 -17.38
C LEU C 93 -1.83 1.53 -16.28
N ASN C 94 -2.46 0.36 -16.46
CA ASN C 94 -3.30 -0.19 -15.42
C ASN C 94 -2.49 -0.60 -14.20
N LYS C 95 -1.30 -1.17 -14.42
CA LYS C 95 -0.43 -1.54 -13.31
C LYS C 95 0.04 -0.30 -12.56
N LEU C 96 0.38 0.76 -13.29
CA LEU C 96 0.79 2.01 -12.64
C LEU C 96 -0.34 2.62 -11.83
N LEU C 97 -1.57 2.57 -12.34
CA LEU C 97 -2.72 3.18 -11.70
C LEU C 97 -3.73 2.15 -11.24
N GLY C 98 -3.25 1.03 -10.71
CA GLY C 98 -4.14 -0.01 -10.23
C GLY C 98 -4.76 0.25 -8.87
N LYS C 99 -4.21 1.20 -8.12
CA LYS C 99 -4.75 1.55 -6.81
C LYS C 99 -5.54 2.85 -6.83
N VAL C 100 -5.71 3.46 -8.00
CA VAL C 100 -6.44 4.71 -8.12
C VAL C 100 -7.80 4.44 -8.74
N THR C 101 -8.78 5.25 -8.37
CA THR C 101 -10.13 5.15 -8.92
C THR C 101 -10.46 6.45 -9.64
N ILE C 102 -10.83 6.32 -10.91
CA ILE C 102 -11.18 7.48 -11.74
C ILE C 102 -12.64 7.83 -11.49
N ALA C 103 -12.89 9.05 -11.04
CA ALA C 103 -14.26 9.48 -10.79
C ALA C 103 -15.02 9.60 -12.10
N GLN C 104 -16.26 9.09 -12.10
CA GLN C 104 -17.12 9.06 -13.29
C GLN C 104 -16.47 8.29 -14.43
N GLY C 105 -15.65 7.29 -14.10
CA GLY C 105 -14.98 6.51 -15.12
C GLY C 105 -15.66 5.19 -15.42
N GLY C 106 -16.49 4.72 -14.49
CA GLY C 106 -17.15 3.45 -14.71
C GLY C 106 -16.15 2.29 -14.63
N VAL C 107 -16.50 1.20 -15.31
CA VAL C 107 -15.66 0.00 -15.35
C VAL C 107 -15.54 -0.48 -16.78
N LEU C 108 -14.58 -1.36 -17.00
CA LEU C 108 -14.46 -2.01 -18.29
C LEU C 108 -15.65 -2.94 -18.51
N PRO C 109 -16.24 -2.96 -19.70
CA PRO C 109 -17.33 -3.91 -19.96
C PRO C 109 -16.79 -5.33 -20.09
N ASN C 110 -17.00 -6.15 -19.07
CA ASN C 110 -16.61 -7.54 -19.15
C ASN C 110 -17.56 -8.38 -18.31
N ILE C 111 -18.00 -9.50 -18.89
CA ILE C 111 -18.87 -10.46 -18.23
C ILE C 111 -18.17 -11.80 -18.25
N GLN C 112 -18.14 -12.48 -17.10
CA GLN C 112 -17.52 -13.79 -17.04
C GLN C 112 -18.28 -14.76 -17.93
N ALA C 113 -17.53 -15.59 -18.67
CA ALA C 113 -18.11 -16.41 -19.71
C ALA C 113 -19.07 -17.45 -19.15
N VAL C 114 -18.90 -17.83 -17.88
CA VAL C 114 -19.81 -18.79 -17.28
C VAL C 114 -21.20 -18.18 -17.09
N LEU C 115 -21.28 -16.86 -16.97
CA LEU C 115 -22.57 -16.20 -16.75
C LEU C 115 -23.34 -15.99 -18.05
N LEU C 116 -22.69 -16.18 -19.20
CA LEU C 116 -23.35 -15.97 -20.48
C LEU C 116 -24.44 -17.01 -20.69
N PRO C 117 -25.41 -16.73 -21.59
CA PRO C 117 -26.52 -17.68 -21.80
C PRO C 117 -26.03 -19.07 -22.19
N LYS C 118 -26.70 -20.09 -21.65
CA LYS C 118 -26.22 -21.46 -21.73
C LYS C 118 -26.13 -21.97 -23.15
N LYS C 119 -27.27 -22.03 -23.85
CA LYS C 119 -27.31 -22.49 -25.23
C LYS C 119 -26.87 -21.38 -26.18
N ARG D 35 -9.43 37.61 -6.85
CA ARG D 35 -9.52 36.74 -5.68
C ARG D 35 -8.18 36.08 -5.37
N SER D 36 -8.21 34.77 -5.14
CA SER D 36 -7.00 34.00 -4.85
C SER D 36 -6.22 33.69 -6.12
N ARG D 37 -5.25 32.79 -6.00
CA ARG D 37 -4.42 32.37 -7.13
C ARG D 37 -4.10 30.89 -7.01
N LYS D 38 -4.70 30.07 -7.86
CA LYS D 38 -4.53 28.63 -7.79
C LYS D 38 -3.51 28.16 -8.84
N GLU D 39 -3.04 26.93 -8.66
CA GLU D 39 -2.02 26.35 -9.52
C GLU D 39 -2.54 25.02 -10.06
N SER D 40 -2.29 24.76 -11.34
CA SER D 40 -2.69 23.50 -11.95
C SER D 40 -1.81 23.26 -13.17
N TYR D 41 -1.84 22.01 -13.64
CA TYR D 41 -1.16 21.62 -14.87
C TYR D 41 -2.09 21.67 -16.08
N SER D 42 -3.19 22.41 -15.98
CA SER D 42 -4.24 22.34 -16.99
C SER D 42 -3.76 22.80 -18.35
N ILE D 43 -3.01 23.91 -18.39
CA ILE D 43 -2.55 24.41 -19.67
C ILE D 43 -1.49 23.48 -20.27
N TYR D 44 -0.68 22.85 -19.42
CA TYR D 44 0.34 21.93 -19.93
C TYR D 44 -0.28 20.65 -20.44
N VAL D 45 -1.26 20.11 -19.70
CA VAL D 45 -1.99 18.94 -20.18
C VAL D 45 -2.69 19.26 -21.49
N TYR D 46 -3.24 20.47 -21.61
CA TYR D 46 -3.92 20.85 -22.84
C TYR D 46 -2.93 20.98 -24.01
N LYS D 47 -1.74 21.54 -23.75
CA LYS D 47 -0.72 21.62 -24.80
C LYS D 47 -0.30 20.23 -25.27
N VAL D 48 -0.10 19.32 -24.32
CA VAL D 48 0.29 17.96 -24.67
C VAL D 48 -0.82 17.27 -25.45
N LEU D 49 -2.07 17.48 -25.04
CA LEU D 49 -3.20 16.92 -25.77
C LEU D 49 -3.26 17.45 -27.20
N LYS D 50 -3.05 18.75 -27.37
CA LYS D 50 -3.10 19.33 -28.71
C LYS D 50 -1.96 18.83 -29.58
N GLN D 51 -0.78 18.61 -28.98
CA GLN D 51 0.32 18.06 -29.76
C GLN D 51 0.22 16.56 -29.97
N VAL D 52 -0.69 15.88 -29.27
CA VAL D 52 -0.92 14.46 -29.48
C VAL D 52 -2.29 14.18 -30.10
N HIS D 53 -3.23 15.12 -30.02
CA HIS D 53 -4.55 14.96 -30.65
C HIS D 53 -5.10 16.35 -30.95
N PRO D 54 -4.71 16.93 -32.09
CA PRO D 54 -5.07 18.33 -32.36
C PRO D 54 -6.56 18.58 -32.43
N ASP D 55 -7.33 17.71 -33.10
CA ASP D 55 -8.78 17.87 -33.20
C ASP D 55 -9.51 17.07 -32.13
N THR D 56 -9.13 17.25 -30.87
CA THR D 56 -9.79 16.53 -29.78
C THR D 56 -9.72 17.39 -28.53
N GLY D 57 -10.87 17.58 -27.89
CA GLY D 57 -10.95 18.37 -26.67
C GLY D 57 -10.90 17.51 -25.42
N ILE D 58 -11.17 18.17 -24.29
CA ILE D 58 -11.15 17.49 -23.00
C ILE D 58 -12.11 18.21 -22.08
N SER D 59 -12.88 17.43 -21.30
CA SER D 59 -13.86 18.02 -20.41
C SER D 59 -13.17 18.54 -19.14
N SER D 60 -13.93 19.32 -18.38
CA SER D 60 -13.40 19.87 -17.14
C SER D 60 -13.08 18.77 -16.13
N LYS D 61 -13.97 17.79 -15.99
CA LYS D 61 -13.73 16.68 -15.07
C LYS D 61 -12.53 15.87 -15.50
N ALA D 62 -12.39 15.61 -16.80
CA ALA D 62 -11.23 14.89 -17.30
C ALA D 62 -9.95 15.69 -17.09
N MET D 63 -10.01 17.00 -17.25
CA MET D 63 -8.84 17.83 -16.98
C MET D 63 -8.47 17.80 -15.51
N GLY D 64 -9.47 17.81 -14.62
CA GLY D 64 -9.18 17.68 -13.21
C GLY D 64 -8.57 16.34 -12.86
N ILE D 65 -9.05 15.28 -13.50
CA ILE D 65 -8.48 13.95 -13.30
C ILE D 65 -7.04 13.91 -13.78
N MET D 66 -6.76 14.53 -14.93
CA MET D 66 -5.39 14.58 -15.43
C MET D 66 -4.49 15.38 -14.50
N ASN D 67 -5.01 16.48 -13.94
CA ASN D 67 -4.24 17.26 -12.99
C ASN D 67 -3.92 16.45 -11.74
N SER D 68 -4.92 15.70 -11.24
CA SER D 68 -4.68 14.83 -10.08
C SER D 68 -3.66 13.75 -10.41
N PHE D 69 -3.72 13.20 -11.62
CA PHE D 69 -2.76 12.19 -12.04
C PHE D 69 -1.34 12.75 -12.07
N VAL D 70 -1.18 13.96 -12.63
CA VAL D 70 0.14 14.56 -12.69
C VAL D 70 0.66 14.85 -11.29
N ASN D 71 -0.20 15.37 -10.41
CA ASN D 71 0.20 15.62 -9.03
C ASN D 71 0.61 14.33 -8.33
N ASP D 72 -0.18 13.26 -8.52
CA ASP D 72 0.10 12.00 -7.85
C ASP D 72 1.41 11.38 -8.34
N ILE D 73 1.65 11.39 -9.65
CA ILE D 73 2.89 10.83 -10.17
C ILE D 73 4.08 11.69 -9.76
N PHE D 74 3.92 13.01 -9.76
CA PHE D 74 4.97 13.89 -9.27
C PHE D 74 5.33 13.56 -7.83
N GLU D 75 4.31 13.41 -6.98
CA GLU D 75 4.55 13.11 -5.57
C GLU D 75 5.22 11.76 -5.41
N ARG D 76 4.78 10.76 -6.19
CA ARG D 76 5.38 9.43 -6.12
C ARG D 76 6.86 9.47 -6.50
N ILE D 77 7.17 10.08 -7.65
CA ILE D 77 8.54 10.11 -8.14
C ILE D 77 9.43 10.93 -7.19
N ALA D 78 8.92 12.07 -6.73
CA ALA D 78 9.72 12.93 -5.85
C ALA D 78 9.96 12.26 -4.50
N GLY D 79 8.96 11.56 -3.96
CA GLY D 79 9.17 10.85 -2.72
C GLY D 79 10.15 9.70 -2.86
N GLU D 80 10.08 8.97 -3.97
CA GLU D 80 11.04 7.89 -4.20
C GLU D 80 12.45 8.44 -4.37
N ALA D 81 12.59 9.57 -5.06
CA ALA D 81 13.91 10.19 -5.21
C ALA D 81 14.42 10.72 -3.87
N SER D 82 13.51 11.24 -3.04
CA SER D 82 13.89 11.68 -1.70
C SER D 82 14.42 10.53 -0.87
N ARG D 83 13.72 9.39 -0.91
CA ARG D 83 14.20 8.22 -0.20
C ARG D 83 15.52 7.71 -0.76
N LEU D 84 15.69 7.76 -2.09
CA LEU D 84 16.96 7.34 -2.68
C LEU D 84 18.10 8.22 -2.23
N ALA D 85 17.89 9.54 -2.19
CA ALA D 85 18.92 10.45 -1.72
C ALA D 85 19.22 10.22 -0.25
N HIS D 86 18.20 9.95 0.56
CA HIS D 86 18.42 9.74 1.98
C HIS D 86 19.12 8.42 2.26
N TYR D 87 18.85 7.39 1.46
CA TYR D 87 19.48 6.09 1.65
C TYR D 87 20.98 6.16 1.42
N ASN D 88 21.40 6.90 0.39
CA ASN D 88 22.80 6.99 0.02
C ASN D 88 23.53 8.12 0.72
N LYS D 89 22.93 8.67 1.78
CA LYS D 89 23.52 9.77 2.56
C LYS D 89 23.86 10.96 1.66
N ARG D 90 22.96 11.26 0.73
CA ARG D 90 23.10 12.41 -0.16
C ARG D 90 22.06 13.46 0.22
N SER D 91 22.42 14.72 0.00
CA SER D 91 21.54 15.83 0.34
C SER D 91 20.95 16.52 -0.87
N THR D 92 21.30 16.10 -2.09
CA THR D 92 20.77 16.70 -3.30
C THR D 92 20.06 15.65 -4.14
N ILE D 93 18.93 16.03 -4.72
CA ILE D 93 18.23 15.18 -5.68
C ILE D 93 18.63 15.63 -7.08
N THR D 94 19.27 14.74 -7.82
CA THR D 94 19.76 15.03 -9.15
C THR D 94 18.92 14.29 -10.18
N SER D 95 19.32 14.41 -11.44
CA SER D 95 18.61 13.72 -12.50
C SER D 95 18.76 12.20 -12.38
N ARG D 96 19.85 11.73 -11.77
CA ARG D 96 20.02 10.29 -11.62
C ARG D 96 19.13 9.73 -10.52
N GLU D 97 18.87 10.51 -9.45
CA GLU D 97 17.88 10.09 -8.47
C GLU D 97 16.49 9.99 -9.08
N ILE D 98 16.13 10.97 -9.91
CA ILE D 98 14.83 10.93 -10.57
C ILE D 98 14.75 9.76 -11.54
N GLN D 99 15.84 9.49 -12.25
CA GLN D 99 15.89 8.35 -13.17
C GLN D 99 15.71 7.02 -12.43
N THR D 100 16.41 6.87 -11.31
CA THR D 100 16.29 5.65 -10.52
C THR D 100 14.87 5.52 -9.95
N ALA D 101 14.29 6.62 -9.51
CA ALA D 101 12.92 6.60 -9.00
C ALA D 101 11.94 6.21 -10.09
N VAL D 102 12.14 6.73 -11.30
CA VAL D 102 11.26 6.42 -12.43
C VAL D 102 11.34 4.94 -12.77
N ARG D 103 12.56 4.40 -12.87
CA ARG D 103 12.68 2.99 -13.19
C ARG D 103 12.33 2.08 -12.01
N LEU D 104 12.21 2.63 -10.80
CA LEU D 104 11.65 1.92 -9.67
C LEU D 104 10.13 1.95 -9.64
N LEU D 105 9.51 2.98 -10.22
CA LEU D 105 8.07 3.16 -10.10
C LEU D 105 7.33 2.79 -11.39
N LEU D 106 7.90 3.10 -12.54
CA LEU D 106 7.09 2.76 -13.69
C LEU D 106 7.37 1.34 -14.16
N PRO D 107 6.36 0.63 -14.66
CA PRO D 107 6.56 -0.76 -15.06
C PRO D 107 6.90 -0.93 -16.53
N GLY D 108 7.85 -1.82 -16.78
CA GLY D 108 8.08 -2.34 -18.13
C GLY D 108 8.49 -1.27 -19.12
N GLU D 109 7.74 -1.20 -20.23
CA GLU D 109 8.09 -0.30 -21.31
C GLU D 109 7.92 1.15 -20.91
N LEU D 110 6.99 1.43 -20.00
CA LEU D 110 6.81 2.80 -19.51
C LEU D 110 8.09 3.32 -18.87
N ALA D 111 8.75 2.47 -18.08
CA ALA D 111 9.97 2.90 -17.39
C ALA D 111 11.07 3.27 -18.38
N LYS D 112 11.32 2.42 -19.37
CA LYS D 112 12.41 2.69 -20.30
C LYS D 112 12.07 3.86 -21.22
N HIS D 113 10.81 3.98 -21.65
CA HIS D 113 10.43 5.13 -22.46
C HIS D 113 10.55 6.44 -21.69
N ALA D 114 10.13 6.43 -20.42
CA ALA D 114 10.25 7.64 -19.60
C ALA D 114 11.71 7.98 -19.33
N VAL D 115 12.55 6.96 -19.12
CA VAL D 115 13.97 7.21 -18.95
C VAL D 115 14.57 7.81 -20.21
N SER D 116 14.16 7.31 -21.37
CA SER D 116 14.63 7.88 -22.63
C SER D 116 14.21 9.33 -22.77
N GLU D 117 12.95 9.64 -22.45
CA GLU D 117 12.47 11.00 -22.55
C GLU D 117 13.20 11.93 -21.59
N GLY D 118 13.40 11.49 -20.35
CA GLY D 118 14.10 12.32 -19.39
C GLY D 118 15.55 12.55 -19.75
N THR D 119 16.24 11.50 -20.22
CA THR D 119 17.63 11.65 -20.62
C THR D 119 17.75 12.58 -21.83
N LYS D 120 16.85 12.46 -22.79
CA LYS D 120 16.86 13.36 -23.94
C LYS D 120 16.63 14.81 -23.50
N ALA D 121 15.67 15.02 -22.60
CA ALA D 121 15.40 16.38 -22.15
C ALA D 121 16.58 16.97 -21.39
N VAL D 122 17.22 16.17 -20.53
CA VAL D 122 18.36 16.66 -19.77
C VAL D 122 19.53 16.97 -20.70
N THR D 123 19.79 16.11 -21.69
CA THR D 123 20.86 16.38 -22.64
C THR D 123 20.61 17.65 -23.45
N LYS D 124 19.39 17.83 -23.96
CA LYS D 124 19.12 19.01 -24.77
C LYS D 124 18.83 20.25 -23.94
N TYR D 125 18.74 20.11 -22.62
CA TYR D 125 18.72 21.25 -21.71
C TYR D 125 20.12 21.70 -21.32
N THR D 126 21.00 20.75 -21.01
CA THR D 126 22.39 21.09 -20.73
C THR D 126 23.13 21.55 -21.98
N SER D 127 22.67 21.13 -23.16
CA SER D 127 23.26 21.59 -24.41
C SER D 127 22.90 23.03 -24.72
N ALA D 128 21.94 23.61 -24.02
CA ALA D 128 21.53 24.99 -24.27
C ALA D 128 21.48 25.77 -22.97
N LYS E 38 -51.11 -14.76 -23.52
CA LYS E 38 -50.04 -14.87 -22.54
C LYS E 38 -49.06 -13.70 -22.67
N PRO E 39 -48.82 -13.00 -21.56
CA PRO E 39 -47.84 -11.90 -21.59
C PRO E 39 -46.43 -12.41 -21.85
N HIS E 40 -45.64 -11.62 -22.57
CA HIS E 40 -44.26 -12.00 -22.84
C HIS E 40 -43.40 -11.84 -21.60
N ARG E 41 -42.61 -12.87 -21.31
CA ARG E 41 -41.70 -12.86 -20.18
C ARG E 41 -40.31 -13.29 -20.63
N TYR E 42 -39.28 -12.64 -20.09
CA TYR E 42 -37.92 -13.07 -20.31
C TYR E 42 -37.53 -14.12 -19.27
N ARG E 43 -36.72 -15.08 -19.70
CA ARG E 43 -36.28 -16.12 -18.80
C ARG E 43 -35.36 -15.54 -17.73
N PRO E 44 -35.31 -16.16 -16.55
CA PRO E 44 -34.47 -15.61 -15.47
C PRO E 44 -33.01 -15.53 -15.86
N GLY E 45 -32.43 -14.35 -15.64
CA GLY E 45 -31.04 -14.11 -15.93
C GLY E 45 -30.75 -13.35 -17.21
N THR E 46 -31.74 -13.15 -18.07
CA THR E 46 -31.48 -12.48 -19.34
C THR E 46 -31.56 -10.96 -19.18
N VAL E 47 -32.62 -10.47 -18.53
CA VAL E 47 -32.66 -9.03 -18.25
C VAL E 47 -31.58 -8.67 -17.23
N ALA E 48 -31.20 -9.63 -16.38
CA ALA E 48 -30.06 -9.42 -15.50
C ALA E 48 -28.78 -9.20 -16.30
N LEU E 49 -28.56 -10.00 -17.35
CA LEU E 49 -27.41 -9.80 -18.20
C LEU E 49 -27.49 -8.46 -18.95
N ARG E 50 -28.69 -8.11 -19.41
CA ARG E 50 -28.81 -6.86 -20.16
C ARG E 50 -28.55 -5.65 -19.27
N GLU E 51 -28.93 -5.73 -17.99
CA GLU E 51 -28.60 -4.62 -17.12
C GLU E 51 -27.17 -4.69 -16.59
N ILE E 52 -26.55 -5.88 -16.59
CA ILE E 52 -25.10 -5.93 -16.41
C ILE E 52 -24.40 -5.12 -17.49
N ARG E 53 -24.82 -5.35 -18.74
CA ARG E 53 -24.24 -4.59 -19.86
C ARG E 53 -24.57 -3.10 -19.73
N ARG E 54 -25.80 -2.78 -19.33
CA ARG E 54 -26.20 -1.38 -19.20
C ARG E 54 -25.38 -0.66 -18.14
N TYR E 55 -25.18 -1.28 -16.97
CA TYR E 55 -24.48 -0.62 -15.89
C TYR E 55 -22.97 -0.72 -16.02
N GLN E 56 -22.45 -1.58 -16.89
CA GLN E 56 -21.03 -1.52 -17.22
C GLN E 56 -20.76 -0.60 -18.38
N LYS E 57 -21.78 -0.23 -19.16
CA LYS E 57 -21.58 0.74 -20.23
C LYS E 57 -21.61 2.17 -19.71
N SER E 58 -22.32 2.43 -18.63
CA SER E 58 -22.52 3.78 -18.13
C SER E 58 -21.53 4.11 -17.03
N THR E 59 -21.58 5.36 -16.54
CA THR E 59 -20.67 5.82 -15.50
C THR E 59 -21.35 6.51 -14.34
N GLU E 60 -22.67 6.70 -14.35
CA GLU E 60 -23.31 7.49 -13.31
C GLU E 60 -23.33 6.73 -11.99
N LEU E 61 -23.56 7.47 -10.92
CA LEU E 61 -23.62 6.88 -9.59
C LEU E 61 -24.91 6.08 -9.43
N LEU E 62 -24.77 4.85 -8.94
CA LEU E 62 -25.88 3.91 -8.85
C LEU E 62 -26.63 3.99 -7.52
N ILE E 63 -26.12 4.74 -6.56
CA ILE E 63 -26.79 4.94 -5.27
C ILE E 63 -27.47 6.30 -5.30
N ARG E 64 -28.68 6.35 -4.75
CA ARG E 64 -29.40 7.62 -4.66
C ARG E 64 -28.63 8.60 -3.79
N LYS E 65 -28.62 9.88 -4.20
CA LYS E 65 -27.73 10.85 -3.58
C LYS E 65 -28.16 11.19 -2.16
N LEU E 66 -29.45 11.46 -1.96
CA LEU E 66 -29.92 11.87 -0.64
C LEU E 66 -29.76 10.80 0.43
N PRO E 67 -30.16 9.54 0.22
CA PRO E 67 -29.90 8.52 1.26
C PRO E 67 -28.43 8.34 1.58
N PHE E 68 -27.56 8.39 0.56
CA PHE E 68 -26.14 8.24 0.83
C PHE E 68 -25.59 9.44 1.60
N GLN E 69 -26.05 10.64 1.27
CA GLN E 69 -25.62 11.82 1.99
C GLN E 69 -26.06 11.76 3.45
N ARG E 70 -27.30 11.31 3.70
CA ARG E 70 -27.76 11.15 5.07
C ARG E 70 -26.95 10.10 5.81
N LEU E 71 -26.60 9.00 5.13
CA LEU E 71 -25.76 7.97 5.75
C LEU E 71 -24.38 8.52 6.09
N VAL E 72 -23.80 9.32 5.19
CA VAL E 72 -22.49 9.92 5.44
C VAL E 72 -22.55 10.85 6.64
N ARG E 73 -23.59 11.69 6.72
CA ARG E 73 -23.69 12.61 7.84
C ARG E 73 -23.93 11.87 9.15
N GLU E 74 -24.75 10.82 9.13
CA GLU E 74 -24.95 10.00 10.32
C GLU E 74 -23.67 9.31 10.78
N ILE E 75 -22.88 8.76 9.86
CA ILE E 75 -21.63 8.14 10.24
C ILE E 75 -20.66 9.17 10.79
N ALA E 76 -20.61 10.35 10.18
CA ALA E 76 -19.70 11.39 10.63
C ALA E 76 -20.13 12.02 11.94
N GLN E 77 -21.40 11.91 12.32
CA GLN E 77 -21.87 12.62 13.51
C GLN E 77 -21.27 12.06 14.79
N ASP E 78 -20.90 10.77 14.81
CA ASP E 78 -20.30 10.23 16.03
C ASP E 78 -18.85 10.66 16.19
N PHE E 79 -18.13 10.87 15.08
CA PHE E 79 -16.75 11.33 15.18
C PHE E 79 -16.69 12.78 15.63
N LYS E 80 -17.56 13.63 15.09
CA LYS E 80 -17.61 15.04 15.48
C LYS E 80 -19.02 15.56 15.24
N THR E 81 -19.51 16.37 16.18
CA THR E 81 -20.85 16.91 16.09
C THR E 81 -20.85 18.20 15.28
N ASP E 82 -22.06 18.63 14.90
CA ASP E 82 -22.36 19.81 14.07
C ASP E 82 -21.44 19.92 12.86
N LEU E 83 -20.99 18.78 12.36
CA LEU E 83 -20.02 18.75 11.28
C LEU E 83 -20.68 19.09 9.94
N ARG E 84 -19.91 19.72 9.06
CA ARG E 84 -20.38 20.12 7.75
C ARG E 84 -19.59 19.41 6.66
N PHE E 85 -20.16 19.38 5.47
CA PHE E 85 -19.58 18.72 4.31
C PHE E 85 -19.70 19.62 3.10
N GLN E 86 -18.61 19.79 2.37
CA GLN E 86 -18.72 20.33 1.02
C GLN E 86 -19.50 19.35 0.15
N SER E 87 -20.20 19.88 -0.85
CA SER E 87 -20.91 19.00 -1.77
C SER E 87 -19.93 18.11 -2.52
N SER E 88 -18.77 18.66 -2.91
CA SER E 88 -17.75 17.86 -3.55
C SER E 88 -17.21 16.78 -2.61
N ALA E 89 -17.22 17.02 -1.31
CA ALA E 89 -16.78 16.00 -0.37
C ALA E 89 -17.71 14.80 -0.36
N VAL E 90 -19.03 15.05 -0.31
CA VAL E 90 -19.99 13.97 -0.37
C VAL E 90 -19.94 13.27 -1.72
N MET E 91 -19.73 14.03 -2.79
CA MET E 91 -19.60 13.42 -4.11
C MET E 91 -18.37 12.51 -4.18
N ALA E 92 -17.24 12.95 -3.62
CA ALA E 92 -16.05 12.14 -3.60
C ALA E 92 -16.24 10.89 -2.76
N LEU E 93 -16.92 11.02 -1.61
CA LEU E 93 -17.22 9.86 -0.80
C LEU E 93 -18.09 8.86 -1.54
N GLN E 94 -19.10 9.35 -2.25
CA GLN E 94 -19.97 8.44 -3.00
C GLN E 94 -19.23 7.77 -4.14
N GLU E 95 -18.39 8.51 -4.85
CA GLU E 95 -17.60 7.92 -5.92
C GLU E 95 -16.68 6.83 -5.40
N ALA E 96 -15.99 7.11 -4.29
CA ALA E 96 -15.07 6.13 -3.72
C ALA E 96 -15.82 4.90 -3.21
N CYS E 97 -16.95 5.11 -2.54
CA CYS E 97 -17.72 3.98 -2.02
C CYS E 97 -18.28 3.12 -3.13
N GLU E 98 -18.78 3.75 -4.20
CA GLU E 98 -19.31 2.97 -5.32
C GLU E 98 -18.20 2.21 -6.03
N ALA E 99 -17.04 2.84 -6.23
CA ALA E 99 -15.92 2.13 -6.85
C ALA E 99 -15.48 0.95 -5.99
N TYR E 100 -15.39 1.15 -4.68
CA TYR E 100 -15.01 0.07 -3.77
C TYR E 100 -16.02 -1.06 -3.81
N LEU E 101 -17.31 -0.73 -3.80
CA LEU E 101 -18.33 -1.78 -3.81
C LEU E 101 -18.36 -2.52 -5.14
N VAL E 102 -18.12 -1.83 -6.25
CA VAL E 102 -18.08 -2.49 -7.54
C VAL E 102 -16.88 -3.43 -7.63
N GLY E 103 -15.72 -3.00 -7.15
CA GLY E 103 -14.57 -3.90 -7.11
C GLY E 103 -14.79 -5.09 -6.20
N LEU E 104 -15.42 -4.85 -5.04
CA LEU E 104 -15.72 -5.94 -4.12
C LEU E 104 -16.71 -6.92 -4.74
N PHE E 105 -17.66 -6.41 -5.52
CA PHE E 105 -18.62 -7.30 -6.18
C PHE E 105 -17.98 -8.07 -7.32
N GLU E 106 -16.99 -7.49 -8.00
CA GLU E 106 -16.24 -8.26 -8.99
C GLU E 106 -15.48 -9.41 -8.34
N ASP E 107 -14.80 -9.12 -7.22
CA ASP E 107 -14.10 -10.19 -6.50
C ASP E 107 -15.08 -11.23 -5.94
N THR E 108 -16.24 -10.76 -5.47
CA THR E 108 -17.27 -11.67 -4.97
C THR E 108 -17.79 -12.57 -6.08
N ASN E 109 -17.98 -12.01 -7.27
CA ASN E 109 -18.42 -12.80 -8.42
C ASN E 109 -17.38 -13.85 -8.78
N LEU E 110 -16.10 -13.48 -8.73
CA LEU E 110 -15.05 -14.45 -8.98
C LEU E 110 -15.06 -15.56 -7.94
N CYS E 111 -15.29 -15.21 -6.67
CA CYS E 111 -15.38 -16.21 -5.61
C CYS E 111 -16.55 -17.15 -5.83
N ALA E 112 -17.70 -16.61 -6.24
CA ALA E 112 -18.88 -17.44 -6.46
C ALA E 112 -18.68 -18.37 -7.65
N ILE E 113 -18.04 -17.88 -8.71
CA ILE E 113 -17.72 -18.72 -9.86
C ILE E 113 -16.72 -19.80 -9.47
N HIS E 114 -15.80 -19.48 -8.55
CA HIS E 114 -14.82 -20.46 -8.09
C HIS E 114 -15.50 -21.66 -7.43
N ALA E 115 -16.58 -21.42 -6.69
CA ALA E 115 -17.34 -22.48 -6.05
C ALA E 115 -18.39 -23.09 -6.97
N LYS E 116 -18.22 -22.92 -8.28
CA LYS E 116 -19.11 -23.48 -9.30
C LYS E 116 -20.55 -23.02 -9.10
N ARG E 117 -20.71 -21.72 -8.84
CA ARG E 117 -22.01 -21.11 -8.68
C ARG E 117 -22.07 -19.84 -9.52
N VAL E 118 -23.29 -19.39 -9.79
CA VAL E 118 -23.51 -18.09 -10.43
C VAL E 118 -24.20 -17.11 -9.50
N THR E 119 -24.62 -17.55 -8.32
CA THR E 119 -25.25 -16.69 -7.32
C THR E 119 -24.21 -16.30 -6.28
N ILE E 120 -23.95 -15.00 -6.16
CA ILE E 120 -23.05 -14.54 -5.12
C ILE E 120 -23.75 -14.65 -3.77
N MET E 121 -22.99 -15.05 -2.76
CA MET E 121 -23.50 -15.30 -1.42
C MET E 121 -22.63 -14.55 -0.43
N PRO E 122 -23.14 -14.32 0.80
CA PRO E 122 -22.32 -13.62 1.80
C PRO E 122 -20.98 -14.27 2.06
N LYS E 123 -20.89 -15.60 1.96
CA LYS E 123 -19.60 -16.26 2.12
C LYS E 123 -18.61 -15.82 1.05
N ASP E 124 -19.10 -15.50 -0.14
CA ASP E 124 -18.22 -15.03 -1.21
C ASP E 124 -17.66 -13.65 -0.89
N ILE E 125 -18.50 -12.74 -0.39
CA ILE E 125 -18.03 -11.42 0.05
C ILE E 125 -17.03 -11.58 1.18
N GLN E 126 -17.30 -12.48 2.12
CA GLN E 126 -16.39 -12.70 3.23
C GLN E 126 -15.05 -13.22 2.76
N LEU E 127 -15.04 -14.17 1.82
CA LEU E 127 -13.79 -14.68 1.29
C LEU E 127 -13.02 -13.61 0.54
N ALA E 128 -13.73 -12.81 -0.27
CA ALA E 128 -13.06 -11.75 -1.01
C ALA E 128 -12.42 -10.73 -0.08
N ARG E 129 -13.15 -10.32 0.97
CA ARG E 129 -12.59 -9.36 1.91
C ARG E 129 -11.44 -9.97 2.72
N ARG E 130 -11.55 -11.24 3.08
CA ARG E 130 -10.48 -11.91 3.81
C ARG E 130 -9.20 -11.99 2.98
N ILE E 131 -9.31 -12.32 1.70
CA ILE E 131 -8.13 -12.39 0.85
C ILE E 131 -7.57 -11.00 0.59
N ARG E 132 -8.45 -10.02 0.38
CA ARG E 132 -7.99 -8.64 0.12
C ARG E 132 -7.24 -8.07 1.32
N GLY E 133 -7.72 -8.35 2.52
CA GLY E 133 -7.03 -7.90 3.71
C GLY E 133 -7.90 -7.12 4.68
N GLU E 134 -9.21 -7.06 4.40
CA GLU E 134 -10.13 -6.37 5.29
C GLU E 134 -10.38 -7.14 6.57
N ARG E 135 -10.20 -8.46 6.57
CA ARG E 135 -10.43 -9.27 7.75
C ARG E 135 -9.13 -9.85 8.29
N LEU F 22 -30.83 11.69 12.85
CA LEU F 22 -30.27 10.99 11.70
C LEU F 22 -29.88 9.56 12.08
N ARG F 23 -30.83 8.64 11.92
CA ARG F 23 -30.62 7.25 12.30
C ARG F 23 -31.05 6.37 11.14
N ASP F 24 -30.63 5.09 11.21
CA ASP F 24 -30.98 4.01 10.28
C ASP F 24 -30.92 4.43 8.80
N ASN F 25 -29.97 5.28 8.45
CA ASN F 25 -29.82 5.71 7.07
C ASN F 25 -29.06 4.70 6.22
N ILE F 26 -28.58 3.61 6.82
CA ILE F 26 -28.01 2.52 6.04
C ILE F 26 -29.07 1.80 5.21
N GLN F 27 -30.33 1.81 5.66
CA GLN F 27 -31.41 1.23 4.86
C GLN F 27 -31.74 2.09 3.65
N GLY F 28 -31.23 3.32 3.60
CA GLY F 28 -31.34 4.12 2.39
C GLY F 28 -30.52 3.56 1.24
N ILE F 29 -29.52 2.74 1.54
CA ILE F 29 -28.81 2.01 0.50
C ILE F 29 -29.69 0.82 0.14
N THR F 30 -30.57 1.03 -0.84
CA THR F 30 -31.67 0.11 -1.07
C THR F 30 -31.18 -1.17 -1.75
N LYS F 31 -32.04 -2.18 -1.70
CA LYS F 31 -31.76 -3.42 -2.43
C LYS F 31 -31.62 -3.20 -3.93
N PRO F 32 -32.45 -2.41 -4.62
CA PRO F 32 -32.16 -2.12 -6.03
C PRO F 32 -30.85 -1.39 -6.25
N ALA F 33 -30.43 -0.52 -5.32
CA ALA F 33 -29.15 0.17 -5.49
C ALA F 33 -27.97 -0.80 -5.39
N ILE F 34 -28.01 -1.68 -4.39
CA ILE F 34 -26.99 -2.71 -4.26
C ILE F 34 -27.02 -3.64 -5.46
N ARG F 35 -28.22 -3.92 -5.97
CA ARG F 35 -28.35 -4.75 -7.17
C ARG F 35 -27.68 -4.09 -8.37
N ARG F 36 -27.89 -2.78 -8.55
CA ARG F 36 -27.22 -2.06 -9.63
C ARG F 36 -25.71 -2.08 -9.47
N LEU F 37 -25.24 -1.90 -8.23
CA LEU F 37 -23.81 -1.96 -7.97
C LEU F 37 -23.23 -3.33 -8.32
N ALA F 38 -23.95 -4.39 -7.98
CA ALA F 38 -23.50 -5.73 -8.32
C ALA F 38 -23.55 -5.96 -9.83
N ARG F 39 -24.56 -5.39 -10.50
CA ARG F 39 -24.65 -5.51 -11.95
C ARG F 39 -23.46 -4.85 -12.63
N ARG F 40 -23.05 -3.68 -12.13
CA ARG F 40 -21.82 -3.07 -12.64
C ARG F 40 -20.60 -3.91 -12.32
N GLY F 41 -20.65 -4.67 -11.24
CA GLY F 41 -19.61 -5.64 -10.93
C GLY F 41 -19.70 -6.93 -11.70
N GLY F 42 -20.63 -7.01 -12.66
CA GLY F 42 -20.81 -8.22 -13.45
C GLY F 42 -21.36 -9.40 -12.68
N VAL F 43 -22.30 -9.15 -11.77
CA VAL F 43 -22.93 -10.21 -10.99
C VAL F 43 -24.29 -10.51 -11.59
N LYS F 44 -24.48 -11.75 -12.04
CA LYS F 44 -25.73 -12.12 -12.70
C LYS F 44 -26.83 -12.46 -11.72
N ARG F 45 -26.49 -13.18 -10.65
CA ARG F 45 -27.47 -13.65 -9.69
C ARG F 45 -27.01 -13.29 -8.29
N ILE F 46 -27.95 -12.80 -7.47
CA ILE F 46 -27.65 -12.24 -6.16
C ILE F 46 -28.48 -12.96 -5.12
N SER F 47 -27.83 -13.47 -4.07
CA SER F 47 -28.56 -14.06 -2.97
C SER F 47 -29.26 -12.99 -2.16
N GLY F 48 -30.28 -13.41 -1.40
CA GLY F 48 -31.08 -12.47 -0.65
C GLY F 48 -30.35 -11.89 0.55
N LEU F 49 -29.37 -12.62 1.07
CA LEU F 49 -28.61 -12.16 2.22
C LEU F 49 -27.43 -11.28 1.82
N ILE F 50 -27.26 -11.03 0.52
CA ILE F 50 -26.15 -10.19 0.06
C ILE F 50 -26.33 -8.75 0.51
N TYR F 51 -27.58 -8.29 0.58
CA TYR F 51 -27.82 -6.86 0.77
C TYR F 51 -27.42 -6.39 2.16
N GLU F 52 -27.73 -7.17 3.20
CA GLU F 52 -27.30 -6.79 4.55
C GLU F 52 -25.78 -6.84 4.68
N GLU F 53 -25.15 -7.85 4.08
CA GLU F 53 -23.70 -7.93 4.11
C GLU F 53 -23.06 -6.74 3.40
N THR F 54 -23.63 -6.34 2.26
CA THR F 54 -23.11 -5.20 1.53
C THR F 54 -23.30 -3.92 2.33
N ARG F 55 -24.43 -3.78 3.02
CA ARG F 55 -24.62 -2.63 3.89
C ARG F 55 -23.59 -2.61 5.01
N GLY F 56 -23.28 -3.78 5.57
CA GLY F 56 -22.27 -3.83 6.62
C GLY F 56 -20.89 -3.43 6.12
N VAL F 57 -20.49 -3.97 4.97
CA VAL F 57 -19.16 -3.65 4.45
C VAL F 57 -19.08 -2.20 4.01
N LEU F 58 -20.17 -1.65 3.47
CA LEU F 58 -20.21 -0.24 3.13
C LEU F 58 -20.12 0.63 4.37
N LYS F 59 -20.79 0.21 5.44
CA LYS F 59 -20.70 0.95 6.70
C LYS F 59 -19.27 0.95 7.23
N VAL F 60 -18.59 -0.19 7.17
CA VAL F 60 -17.21 -0.26 7.67
C VAL F 60 -16.30 0.62 6.83
N PHE F 61 -16.42 0.52 5.50
CA PHE F 61 -15.57 1.33 4.61
C PHE F 61 -15.82 2.81 4.83
N LEU F 62 -17.08 3.21 4.91
CA LEU F 62 -17.42 4.61 5.14
C LEU F 62 -16.93 5.09 6.48
N GLU F 63 -17.04 4.25 7.52
CA GLU F 63 -16.55 4.63 8.83
C GLU F 63 -15.05 4.90 8.80
N ASN F 64 -14.29 4.03 8.14
CA ASN F 64 -12.84 4.24 8.06
C ASN F 64 -12.51 5.52 7.32
N VAL F 65 -13.08 5.71 6.13
CA VAL F 65 -12.74 6.86 5.30
C VAL F 65 -13.18 8.16 5.97
N ILE F 66 -14.39 8.17 6.54
CA ILE F 66 -14.91 9.36 7.18
C ILE F 66 -14.13 9.67 8.46
N ARG F 67 -13.71 8.63 9.20
CA ARG F 67 -12.89 8.88 10.39
C ARG F 67 -11.59 9.56 10.02
N ASP F 68 -10.93 9.08 8.97
CA ASP F 68 -9.69 9.72 8.54
C ASP F 68 -9.95 11.15 8.04
N ALA F 69 -11.03 11.35 7.28
CA ALA F 69 -11.33 12.68 6.76
C ALA F 69 -11.66 13.66 7.88
N VAL F 70 -12.39 13.20 8.89
CA VAL F 70 -12.71 14.06 10.03
C VAL F 70 -11.46 14.38 10.83
N THR F 71 -10.54 13.42 10.95
CA THR F 71 -9.26 13.72 11.59
C THR F 71 -8.49 14.80 10.83
N TYR F 72 -8.46 14.69 9.50
CA TYR F 72 -7.81 15.72 8.69
C TYR F 72 -8.50 17.08 8.86
N THR F 73 -9.83 17.07 8.91
CA THR F 73 -10.57 18.32 9.09
C THR F 73 -10.30 18.95 10.43
N GLU F 74 -10.27 18.14 11.50
CA GLU F 74 -10.02 18.67 12.84
C GLU F 74 -8.60 19.20 12.97
N HIS F 75 -7.63 18.55 12.29
CA HIS F 75 -6.27 19.07 12.35
C HIS F 75 -6.16 20.43 11.67
N ALA F 76 -7.00 20.69 10.68
CA ALA F 76 -7.02 22.00 10.02
C ALA F 76 -7.82 23.03 10.79
N LYS F 77 -8.35 22.66 11.95
CA LYS F 77 -9.22 23.49 12.78
C LYS F 77 -10.49 23.93 12.05
N ARG F 78 -10.87 23.24 10.99
CA ARG F 78 -12.10 23.50 10.28
C ARG F 78 -13.24 22.69 10.90
N LYS F 79 -14.45 22.99 10.47
CA LYS F 79 -15.61 22.18 10.87
C LYS F 79 -16.46 21.79 9.67
N THR F 80 -15.97 22.00 8.46
CA THR F 80 -16.58 21.48 7.24
C THR F 80 -15.61 20.50 6.61
N VAL F 81 -16.06 19.27 6.38
CA VAL F 81 -15.22 18.29 5.70
C VAL F 81 -15.13 18.68 4.23
N THR F 82 -13.93 19.00 3.78
CA THR F 82 -13.70 19.42 2.40
C THR F 82 -13.44 18.20 1.52
N ALA F 83 -13.44 18.43 0.21
CA ALA F 83 -13.14 17.36 -0.73
C ALA F 83 -11.70 16.90 -0.57
N MET F 84 -10.80 17.83 -0.28
CA MET F 84 -9.38 17.47 -0.12
C MET F 84 -9.18 16.57 1.09
N ASP F 85 -9.95 16.80 2.17
CA ASP F 85 -9.87 15.91 3.32
C ASP F 85 -10.26 14.49 2.96
N VAL F 86 -11.32 14.34 2.17
CA VAL F 86 -11.76 13.02 1.73
C VAL F 86 -10.71 12.38 0.83
N VAL F 87 -10.13 13.17 -0.08
CA VAL F 87 -9.11 12.63 -0.99
C VAL F 87 -7.89 12.17 -0.21
N TYR F 88 -7.46 12.95 0.78
CA TYR F 88 -6.33 12.55 1.61
C TYR F 88 -6.66 11.31 2.43
N ALA F 89 -7.88 11.23 2.95
CA ALA F 89 -8.30 10.05 3.70
C ALA F 89 -8.26 8.81 2.83
N LEU F 90 -8.70 8.92 1.59
CA LEU F 90 -8.66 7.80 0.67
C LEU F 90 -7.22 7.43 0.31
N LYS F 91 -6.38 8.43 0.06
CA LYS F 91 -5.01 8.17 -0.34
C LYS F 91 -4.21 7.53 0.79
N ARG F 92 -4.57 7.83 2.04
CA ARG F 92 -3.94 7.15 3.17
C ARG F 92 -4.24 5.67 3.16
N GLN F 93 -5.43 5.28 2.71
CA GLN F 93 -5.86 3.89 2.70
C GLN F 93 -5.54 3.19 1.38
N GLY F 94 -4.68 3.76 0.56
CA GLY F 94 -4.34 3.16 -0.71
C GLY F 94 -5.48 3.09 -1.70
N ARG F 95 -6.40 4.05 -1.64
CA ARG F 95 -7.56 4.11 -2.52
C ARG F 95 -7.69 5.50 -3.11
N THR F 96 -6.59 6.02 -3.66
CA THR F 96 -6.52 7.39 -4.13
C THR F 96 -7.58 7.65 -5.20
N LEU F 97 -8.25 8.79 -5.08
CA LEU F 97 -9.35 9.17 -5.96
C LEU F 97 -8.94 10.35 -6.83
N TYR F 98 -9.12 10.21 -8.13
CA TYR F 98 -8.83 11.27 -9.08
C TYR F 98 -10.12 12.01 -9.43
N GLY F 99 -10.02 13.33 -9.55
CA GLY F 99 -11.15 14.15 -9.96
C GLY F 99 -11.70 15.08 -8.91
N PHE F 100 -11.03 15.23 -7.76
CA PHE F 100 -11.48 16.15 -6.73
C PHE F 100 -10.33 16.96 -6.13
N GLY F 101 -9.15 16.91 -6.74
CA GLY F 101 -8.00 17.63 -6.23
C GLY F 101 -6.95 16.71 -5.64
N LYS G 9 30.27 31.71 33.06
CA LYS G 9 30.90 30.40 32.87
C LYS G 9 30.24 29.35 33.75
N ALA G 10 29.23 29.76 34.52
CA ALA G 10 28.51 28.87 35.42
C ALA G 10 27.40 28.13 34.67
N ARG G 11 27.80 27.30 33.71
CA ARG G 11 26.85 26.50 32.96
C ARG G 11 26.23 25.44 33.85
N ALA G 12 24.90 25.31 33.76
CA ALA G 12 24.20 24.32 34.55
C ALA G 12 24.53 22.91 34.06
N LYS G 13 24.36 21.95 34.96
CA LYS G 13 24.57 20.55 34.60
C LYS G 13 23.56 20.13 33.54
N ALA G 14 24.05 19.47 32.50
CA ALA G 14 23.20 19.09 31.39
C ALA G 14 22.18 18.03 31.81
N LYS G 15 20.92 18.29 31.48
CA LYS G 15 19.84 17.32 31.66
C LYS G 15 19.35 16.93 30.29
N THR G 16 19.35 15.62 30.01
CA THR G 16 18.88 15.16 28.72
C THR G 16 17.38 15.42 28.61
N ARG G 17 16.93 15.68 27.37
CA ARG G 17 15.53 16.04 27.18
C ARG G 17 14.60 14.88 27.46
N SER G 18 15.07 13.65 27.29
CA SER G 18 14.26 12.49 27.64
C SER G 18 13.95 12.45 29.12
N SER G 19 14.93 12.81 29.96
CA SER G 19 14.70 12.86 31.40
C SER G 19 13.70 13.93 31.76
N ARG G 20 13.77 15.09 31.08
CA ARG G 20 12.78 16.14 31.30
C ARG G 20 11.38 15.66 30.92
N ALA G 21 11.26 14.94 29.81
CA ALA G 21 9.99 14.35 29.41
C ALA G 21 9.66 13.08 30.18
N GLY G 22 10.58 12.56 30.97
CA GLY G 22 10.37 11.30 31.66
C GLY G 22 10.29 10.11 30.72
N LEU G 23 11.13 10.09 29.69
CA LEU G 23 11.10 9.04 28.68
C LEU G 23 12.41 8.28 28.70
N GLN G 24 12.37 7.07 28.15
CA GLN G 24 13.59 6.30 27.92
C GLN G 24 14.10 6.47 26.51
N PHE G 25 13.22 6.70 25.54
CA PHE G 25 13.63 6.91 24.17
C PHE G 25 14.24 8.31 24.00
N PRO G 26 15.23 8.45 23.12
CA PRO G 26 16.02 9.69 23.07
C PRO G 26 15.30 10.81 22.36
N VAL G 27 14.96 11.86 23.11
CA VAL G 27 14.29 13.02 22.51
C VAL G 27 15.25 13.78 21.61
N GLY G 28 16.51 13.93 22.03
CA GLY G 28 17.47 14.64 21.21
C GLY G 28 17.78 13.92 19.91
N ARG G 29 17.95 12.61 19.97
CA ARG G 29 18.18 11.83 18.76
C ARG G 29 16.98 11.89 17.81
N VAL G 30 15.76 11.80 18.37
CA VAL G 30 14.56 11.89 17.54
C VAL G 30 14.44 13.27 16.92
N HIS G 31 14.82 14.31 17.67
CA HIS G 31 14.79 15.67 17.14
C HIS G 31 15.77 15.83 15.99
N ARG G 32 16.98 15.29 16.14
CA ARG G 32 17.95 15.35 15.06
C ARG G 32 17.47 14.59 13.84
N LEU G 33 16.86 13.41 14.05
CA LEU G 33 16.36 12.63 12.93
C LEU G 33 15.22 13.35 12.22
N LEU G 34 14.34 14.02 12.98
CA LEU G 34 13.27 14.80 12.37
C LEU G 34 13.85 15.96 11.56
N ARG G 35 14.88 16.63 12.08
CA ARG G 35 15.49 17.72 11.33
C ARG G 35 16.17 17.22 10.06
N LYS G 36 16.86 16.10 10.14
CA LYS G 36 17.65 15.60 9.02
C LYS G 36 16.84 14.76 8.04
N GLY G 37 15.61 14.40 8.37
CA GLY G 37 14.81 13.57 7.49
C GLY G 37 14.05 14.28 6.40
N ASN G 38 14.19 15.60 6.31
CA ASN G 38 13.48 16.42 5.32
C ASN G 38 11.97 16.23 5.42
N TYR G 39 11.46 16.32 6.64
CA TYR G 39 10.02 16.28 6.85
C TYR G 39 9.41 17.67 6.84
N ALA G 40 10.12 18.64 7.40
CA ALA G 40 9.73 20.04 7.32
C ALA G 40 10.98 20.88 7.54
N GLU G 41 10.92 22.13 7.10
CA GLU G 41 12.05 23.02 7.32
C GLU G 41 12.21 23.42 8.78
N ARG G 42 11.17 23.23 9.59
CA ARG G 42 11.22 23.51 11.02
C ARG G 42 10.60 22.36 11.78
N VAL G 43 11.14 22.09 12.97
CA VAL G 43 10.64 21.06 13.86
C VAL G 43 10.43 21.66 15.23
N GLY G 44 9.21 21.56 15.75
CA GLY G 44 8.89 22.14 17.03
C GLY G 44 9.63 21.44 18.17
N ALA G 45 9.64 22.10 19.34
CA ALA G 45 10.31 21.53 20.49
C ALA G 45 9.55 20.32 21.04
N GLY G 46 8.22 20.36 20.98
CA GLY G 46 7.42 19.26 21.48
C GLY G 46 7.23 18.10 20.53
N ALA G 47 7.57 18.30 19.25
CA ALA G 47 7.43 17.22 18.28
C ALA G 47 8.32 16.01 18.60
N PRO G 48 9.63 16.16 18.86
CA PRO G 48 10.40 14.97 19.25
C PRO G 48 9.93 14.36 20.56
N VAL G 49 9.46 15.17 21.50
CA VAL G 49 8.96 14.63 22.76
C VAL G 49 7.75 13.74 22.51
N TYR G 50 6.79 14.24 21.73
CA TYR G 50 5.60 13.46 21.41
C TYR G 50 5.95 12.20 20.63
N LEU G 51 6.84 12.33 19.65
CA LEU G 51 7.20 11.17 18.83
C LEU G 51 7.95 10.13 19.64
N ALA G 52 8.87 10.56 20.50
CA ALA G 52 9.60 9.62 21.35
C ALA G 52 8.66 8.95 22.34
N ALA G 53 7.69 9.67 22.88
CA ALA G 53 6.72 9.06 23.76
C ALA G 53 5.89 7.99 23.04
N VAL G 54 5.45 8.29 21.82
CA VAL G 54 4.68 7.32 21.07
C VAL G 54 5.50 6.09 20.73
N LEU G 55 6.75 6.29 20.29
CA LEU G 55 7.63 5.17 19.98
C LEU G 55 7.90 4.32 21.22
N GLU G 56 8.15 4.96 22.36
CA GLU G 56 8.38 4.23 23.59
C GLU G 56 7.15 3.45 24.01
N TYR G 57 5.95 4.05 23.88
CA TYR G 57 4.74 3.34 24.25
C TYR G 57 4.51 2.11 23.36
N LEU G 58 4.70 2.26 22.05
CA LEU G 58 4.49 1.13 21.16
C LEU G 58 5.52 0.04 21.42
N THR G 59 6.77 0.44 21.65
CA THR G 59 7.81 -0.53 22.01
C THR G 59 7.45 -1.25 23.30
N ALA G 60 6.91 -0.51 24.28
CA ALA G 60 6.53 -1.12 25.55
C ALA G 60 5.39 -2.12 25.38
N GLU G 61 4.41 -1.78 24.55
CA GLU G 61 3.31 -2.70 24.28
C GLU G 61 3.82 -3.99 23.64
N ILE G 62 4.64 -3.85 22.59
CA ILE G 62 5.18 -5.02 21.91
C ILE G 62 6.03 -5.86 22.85
N LEU G 63 6.87 -5.19 23.65
CA LEU G 63 7.77 -5.92 24.54
C LEU G 63 7.02 -6.61 25.66
N GLU G 64 5.95 -5.99 26.19
CA GLU G 64 5.15 -6.64 27.21
C GLU G 64 4.48 -7.89 26.65
N LEU G 65 3.87 -7.78 25.48
CA LEU G 65 3.21 -8.94 24.90
C LEU G 65 4.22 -10.03 24.52
N ALA G 66 5.41 -9.63 24.06
CA ALA G 66 6.42 -10.62 23.69
C ALA G 66 7.04 -11.28 24.92
N GLY G 67 7.19 -10.54 26.01
CA GLY G 67 7.63 -11.16 27.25
C GLY G 67 6.59 -12.12 27.79
N ASN G 68 5.31 -11.79 27.63
CA ASN G 68 4.26 -12.75 27.97
C ASN G 68 4.35 -13.98 27.09
N ALA G 69 4.62 -13.81 25.79
CA ALA G 69 4.78 -14.95 24.90
C ALA G 69 6.01 -15.78 25.24
N ALA G 70 7.03 -15.16 25.81
CA ALA G 70 8.19 -15.90 26.28
C ALA G 70 7.92 -16.59 27.61
N ARG G 71 7.00 -16.04 28.42
CA ARG G 71 6.69 -16.64 29.72
C ARG G 71 6.08 -18.03 29.56
N ASP G 72 5.01 -18.12 28.75
CA ASP G 72 4.35 -19.41 28.56
C ASP G 72 5.11 -20.32 27.61
N ASN G 73 6.14 -19.81 26.96
CA ASN G 73 7.13 -20.63 26.26
C ASN G 73 8.28 -21.01 27.18
N LYS G 74 8.17 -20.68 28.47
CA LYS G 74 9.22 -20.84 29.50
C LYS G 74 10.62 -20.52 28.96
N LYS G 75 10.73 -19.34 28.36
CA LYS G 75 12.00 -18.77 27.94
C LYS G 75 12.16 -17.41 28.59
N THR G 76 13.38 -17.12 29.06
CA THR G 76 13.68 -15.84 29.69
C THR G 76 14.32 -14.86 28.74
N ARG G 77 14.19 -15.07 27.43
CA ARG G 77 14.80 -14.22 26.43
C ARG G 77 13.88 -14.13 25.22
N ILE G 78 13.66 -12.91 24.74
CA ILE G 78 12.74 -12.67 23.64
C ILE G 78 13.41 -13.03 22.32
N ILE G 79 12.75 -13.85 21.53
CA ILE G 79 13.23 -14.25 20.21
C ILE G 79 12.21 -13.77 19.19
N PRO G 80 12.58 -13.71 17.91
CA PRO G 80 11.62 -13.27 16.88
C PRO G 80 10.28 -13.99 16.88
N ARG G 81 10.28 -15.28 17.25
CA ARG G 81 9.02 -16.02 17.33
C ARG G 81 8.09 -15.39 18.36
N HIS G 82 8.63 -14.97 19.50
CA HIS G 82 7.81 -14.35 20.53
C HIS G 82 7.21 -13.04 20.05
N LEU G 83 8.01 -12.23 19.34
CA LEU G 83 7.50 -10.98 18.78
C LEU G 83 6.39 -11.25 17.78
N GLN G 84 6.58 -12.25 16.91
CA GLN G 84 5.54 -12.58 15.93
C GLN G 84 4.26 -13.05 16.61
N LEU G 85 4.39 -13.92 17.61
CA LEU G 85 3.20 -14.39 18.33
C LEU G 85 2.48 -13.25 19.02
N ALA G 86 3.22 -12.36 19.67
CA ALA G 86 2.62 -11.22 20.34
C ALA G 86 1.91 -10.31 19.36
N ILE G 87 2.53 -10.03 18.22
CA ILE G 87 1.97 -9.07 17.27
C ILE G 87 0.74 -9.66 16.59
N ARG G 88 0.81 -10.92 16.16
CA ARG G 88 -0.33 -11.51 15.46
C ARG G 88 -1.46 -11.92 16.38
N ASN G 89 -1.18 -12.13 17.68
CA ASN G 89 -2.26 -12.45 18.61
C ASN G 89 -3.06 -11.20 18.98
N ASP G 90 -2.39 -10.05 19.08
CA ASP G 90 -3.07 -8.79 19.37
C ASP G 90 -3.70 -8.27 18.07
N GLU G 91 -5.01 -8.02 18.11
CA GLU G 91 -5.70 -7.56 16.90
C GLU G 91 -5.21 -6.18 16.46
N GLU G 92 -5.01 -5.27 17.43
CA GLU G 92 -4.58 -3.92 17.08
C GLU G 92 -3.15 -3.91 16.58
N LEU G 93 -2.25 -4.65 17.25
CA LEU G 93 -0.87 -4.73 16.80
C LEU G 93 -0.77 -5.40 15.44
N ASN G 94 -1.56 -6.45 15.21
CA ASN G 94 -1.58 -7.11 13.91
C ASN G 94 -2.10 -6.17 12.83
N LYS G 95 -3.11 -5.37 13.15
CA LYS G 95 -3.61 -4.39 12.20
C LYS G 95 -2.56 -3.33 11.89
N LEU G 96 -1.83 -2.88 12.91
CA LEU G 96 -0.77 -1.90 12.69
C LEU G 96 0.36 -2.46 11.84
N LEU G 97 0.71 -3.72 12.05
CA LEU G 97 1.80 -4.37 11.33
C LEU G 97 1.30 -5.48 10.42
N GLY G 98 0.18 -5.23 9.73
CA GLY G 98 -0.37 -6.22 8.82
C GLY G 98 0.50 -6.48 7.61
N LYS G 99 1.13 -5.46 7.07
CA LYS G 99 1.96 -5.58 5.88
C LYS G 99 3.41 -5.91 6.21
N VAL G 100 3.73 -6.14 7.47
CA VAL G 100 5.11 -6.36 7.92
C VAL G 100 5.34 -7.85 8.12
N THR G 101 6.42 -8.36 7.52
CA THR G 101 6.88 -9.71 7.79
C THR G 101 8.07 -9.66 8.73
N ILE G 102 8.05 -10.54 9.73
CA ILE G 102 9.07 -10.61 10.76
C ILE G 102 9.97 -11.80 10.45
N ALA G 103 11.27 -11.53 10.29
CA ALA G 103 12.22 -12.59 9.97
C ALA G 103 12.33 -13.57 11.13
N GLN G 104 12.32 -14.86 10.80
CA GLN G 104 12.37 -15.95 11.78
C GLN G 104 11.23 -15.84 12.79
N GLY G 105 10.08 -15.38 12.32
CA GLY G 105 8.93 -15.20 13.19
C GLY G 105 7.93 -16.33 13.12
N GLY G 106 7.89 -17.03 11.98
CA GLY G 106 6.90 -18.07 11.84
C GLY G 106 5.51 -17.50 11.62
N VAL G 107 4.51 -18.36 11.83
CA VAL G 107 3.11 -17.98 11.67
C VAL G 107 2.34 -18.48 12.89
N LEU G 108 1.14 -17.94 13.06
CA LEU G 108 0.28 -18.40 14.13
C LEU G 108 -0.16 -19.83 13.86
N PRO G 109 -0.14 -20.71 14.86
CA PRO G 109 -0.67 -22.05 14.66
C PRO G 109 -2.18 -22.05 14.56
N ASN G 110 -2.71 -22.23 13.36
CA ASN G 110 -4.15 -22.38 13.17
C ASN G 110 -4.40 -23.37 12.03
N ILE G 111 -5.37 -24.25 12.27
CA ILE G 111 -5.78 -25.24 11.28
C ILE G 111 -7.28 -25.08 11.06
N GLN G 112 -7.69 -25.06 9.81
CA GLN G 112 -9.10 -24.91 9.49
C GLN G 112 -9.91 -26.10 9.98
N ALA G 113 -11.15 -25.83 10.38
CA ALA G 113 -11.97 -26.85 11.01
C ALA G 113 -12.29 -28.00 10.05
N VAL G 114 -12.43 -27.70 8.76
CA VAL G 114 -12.78 -28.74 7.80
C VAL G 114 -11.62 -29.70 7.56
N LEU G 115 -10.39 -29.30 7.89
CA LEU G 115 -9.24 -30.16 7.68
C LEU G 115 -9.01 -31.14 8.84
N LEU G 116 -9.61 -30.88 9.99
CA LEU G 116 -9.48 -31.78 11.12
C LEU G 116 -10.24 -33.07 10.85
N PRO G 117 -9.86 -34.17 11.50
CA PRO G 117 -10.57 -35.45 11.26
C PRO G 117 -12.04 -35.34 11.58
N LYS G 118 -12.86 -35.99 10.74
CA LYS G 118 -14.30 -35.80 10.80
C LYS G 118 -14.96 -36.56 11.93
N LYS G 119 -14.27 -37.52 12.54
CA LYS G 119 -14.82 -38.42 13.56
C LYS G 119 -16.02 -39.21 13.03
N ARG H 35 37.62 4.60 11.09
CA ARG H 35 36.47 3.70 11.25
C ARG H 35 35.16 4.45 11.05
N SER H 36 34.09 3.91 11.63
CA SER H 36 32.77 4.51 11.58
C SER H 36 32.11 4.35 12.94
N ARG H 37 30.83 4.68 13.01
CA ARG H 37 30.07 4.58 14.26
C ARG H 37 28.60 4.48 13.91
N LYS H 38 28.00 3.32 14.17
CA LYS H 38 26.61 3.08 13.83
C LYS H 38 25.70 3.71 14.89
N GLU H 39 24.41 3.39 14.82
CA GLU H 39 23.42 4.04 15.67
C GLU H 39 22.15 3.20 15.66
N SER H 40 21.58 2.98 16.84
CA SER H 40 20.39 2.13 16.94
C SER H 40 19.65 2.47 18.23
N TYR H 41 18.41 2.00 18.31
CA TYR H 41 17.59 2.15 19.50
C TYR H 41 17.77 1.01 20.49
N SER H 42 18.88 0.27 20.37
CA SER H 42 19.04 -0.96 21.13
C SER H 42 19.05 -0.71 22.64
N ILE H 43 19.77 0.32 23.08
CA ILE H 43 19.82 0.61 24.51
C ILE H 43 18.47 1.09 25.01
N TYR H 44 17.76 1.87 24.20
CA TYR H 44 16.45 2.38 24.63
C TYR H 44 15.42 1.26 24.67
N VAL H 45 15.42 0.40 23.66
CA VAL H 45 14.52 -0.75 23.66
C VAL H 45 14.83 -1.65 24.86
N TYR H 46 16.12 -1.82 25.17
CA TYR H 46 16.49 -2.64 26.32
C TYR H 46 16.04 -2.00 27.63
N LYS H 47 16.15 -0.67 27.74
CA LYS H 47 15.66 0.01 28.93
C LYS H 47 14.16 -0.16 29.09
N VAL H 48 13.40 -0.04 28.00
CA VAL H 48 11.97 -0.22 28.06
C VAL H 48 11.62 -1.67 28.44
N LEU H 49 12.39 -2.62 27.90
CA LEU H 49 12.16 -4.02 28.24
C LEU H 49 12.42 -4.29 29.72
N LYS H 50 13.51 -3.73 30.26
CA LYS H 50 13.78 -3.89 31.69
C LYS H 50 12.75 -3.15 32.53
N GLN H 51 12.13 -2.11 31.97
CA GLN H 51 11.06 -1.42 32.67
C GLN H 51 9.78 -2.25 32.72
N VAL H 52 9.46 -2.96 31.63
CA VAL H 52 8.21 -3.71 31.57
C VAL H 52 8.39 -5.19 31.92
N HIS H 53 9.58 -5.76 31.73
CA HIS H 53 9.87 -7.14 32.13
C HIS H 53 11.27 -7.16 32.70
N PRO H 54 11.41 -6.97 34.01
CA PRO H 54 12.76 -6.79 34.60
C PRO H 54 13.70 -7.97 34.41
N ASP H 55 13.19 -9.20 34.40
CA ASP H 55 14.03 -10.38 34.34
C ASP H 55 13.93 -11.10 33.00
N THR H 56 13.62 -10.37 31.93
CA THR H 56 13.48 -10.93 30.59
C THR H 56 14.53 -10.32 29.68
N GLY H 57 15.24 -11.18 28.96
CA GLY H 57 16.24 -10.73 28.00
C GLY H 57 15.69 -10.61 26.61
N ILE H 58 16.59 -10.33 25.67
CA ILE H 58 16.23 -10.21 24.26
C ILE H 58 17.46 -10.54 23.43
N SER H 59 17.24 -11.26 22.34
CA SER H 59 18.34 -11.68 21.48
C SER H 59 18.66 -10.60 20.45
N SER H 60 19.79 -10.78 19.77
CA SER H 60 20.23 -9.79 18.79
C SER H 60 19.28 -9.73 17.60
N LYS H 61 18.75 -10.87 17.17
CA LYS H 61 17.79 -10.87 16.07
C LYS H 61 16.50 -10.17 16.48
N ALA H 62 15.99 -10.47 17.68
CA ALA H 62 14.80 -9.79 18.16
C ALA H 62 15.07 -8.31 18.41
N MET H 63 16.29 -7.98 18.87
CA MET H 63 16.65 -6.58 19.04
C MET H 63 16.68 -5.86 17.70
N GLY H 64 17.20 -6.52 16.66
CA GLY H 64 17.18 -5.92 15.33
C GLY H 64 15.78 -5.75 14.80
N ILE H 65 14.90 -6.70 15.11
CA ILE H 65 13.50 -6.56 14.71
C ILE H 65 12.84 -5.40 15.42
N MET H 66 13.11 -5.23 16.71
CA MET H 66 12.58 -4.08 17.43
C MET H 66 13.14 -2.77 16.89
N ASN H 67 14.42 -2.78 16.50
CA ASN H 67 15.03 -1.60 15.90
C ASN H 67 14.36 -1.25 14.57
N SER H 68 14.10 -2.27 13.74
CA SER H 68 13.40 -2.04 12.50
C SER H 68 11.98 -1.54 12.74
N PHE H 69 11.32 -2.07 13.76
CA PHE H 69 9.98 -1.62 14.10
C PHE H 69 9.98 -0.15 14.51
N VAL H 70 10.94 0.24 15.34
CA VAL H 70 11.01 1.63 15.79
C VAL H 70 11.30 2.55 14.62
N ASN H 71 12.25 2.17 13.75
CA ASN H 71 12.54 2.97 12.58
C ASN H 71 11.33 3.08 11.65
N ASP H 72 10.61 1.97 11.47
CA ASP H 72 9.45 1.96 10.58
C ASP H 72 8.34 2.87 11.12
N ILE H 73 8.02 2.75 12.40
CA ILE H 73 6.95 3.57 12.97
C ILE H 73 7.37 5.04 13.01
N PHE H 74 8.65 5.31 13.31
CA PHE H 74 9.16 6.67 13.23
C PHE H 74 8.96 7.24 11.83
N GLU H 75 9.32 6.48 10.81
CA GLU H 75 9.21 6.97 9.44
C GLU H 75 7.75 7.19 9.05
N ARG H 76 6.86 6.28 9.46
CA ARG H 76 5.45 6.43 9.14
C ARG H 76 4.86 7.67 9.79
N ILE H 77 5.11 7.85 11.09
CA ILE H 77 4.56 9.00 11.81
C ILE H 77 5.14 10.30 11.27
N ALA H 78 6.45 10.34 11.04
CA ALA H 78 7.08 11.55 10.54
C ALA H 78 6.62 11.89 9.14
N GLY H 79 6.43 10.89 8.29
CA GLY H 79 5.92 11.15 6.95
C GLY H 79 4.50 11.65 6.95
N GLU H 80 3.65 11.06 7.80
CA GLU H 80 2.27 11.54 7.87
C GLU H 80 2.21 12.96 8.45
N ALA H 81 3.06 13.26 9.44
CA ALA H 81 3.11 14.61 9.97
C ALA H 81 3.63 15.61 8.94
N SER H 82 4.62 15.19 8.14
CA SER H 82 5.11 16.05 7.07
C SER H 82 4.02 16.33 6.06
N ARG H 83 3.25 15.30 5.69
CA ARG H 83 2.14 15.51 4.77
C ARG H 83 1.07 16.41 5.36
N LEU H 84 0.79 16.27 6.66
CA LEU H 84 -0.17 17.14 7.32
C LEU H 84 0.29 18.60 7.26
N ALA H 85 1.56 18.84 7.59
CA ALA H 85 2.09 20.20 7.56
C ALA H 85 2.08 20.77 6.15
N HIS H 86 2.34 19.93 5.15
CA HIS H 86 2.31 20.41 3.77
C HIS H 86 0.89 20.69 3.31
N TYR H 87 -0.07 19.87 3.73
CA TYR H 87 -1.47 20.11 3.37
C TYR H 87 -1.97 21.40 3.96
N ASN H 88 -1.64 21.66 5.23
CA ASN H 88 -2.13 22.84 5.93
C ASN H 88 -1.25 24.05 5.69
N LYS H 89 -0.31 23.97 4.75
CA LYS H 89 0.60 25.06 4.39
C LYS H 89 1.36 25.56 5.62
N ARG H 90 1.80 24.63 6.45
CA ARG H 90 2.63 24.93 7.61
C ARG H 90 4.04 24.46 7.33
N SER H 91 5.02 25.25 7.77
CA SER H 91 6.43 24.94 7.55
C SER H 91 7.08 24.28 8.75
N THR H 92 6.32 23.99 9.80
CA THR H 92 6.87 23.36 11.00
C THR H 92 6.03 22.16 11.40
N ILE H 93 6.69 21.14 11.92
CA ILE H 93 6.04 19.98 12.48
C ILE H 93 5.98 20.16 13.99
N THR H 94 4.79 20.19 14.54
CA THR H 94 4.58 20.41 15.97
C THR H 94 4.06 19.14 16.61
N SER H 95 3.75 19.22 17.90
CA SER H 95 3.13 18.11 18.59
C SER H 95 1.72 17.85 18.08
N ARG H 96 1.07 18.87 17.51
CA ARG H 96 -0.24 18.67 16.90
C ARG H 96 -0.14 17.81 15.65
N GLU H 97 0.86 18.07 14.81
CA GLU H 97 1.05 17.24 13.62
C GLU H 97 1.37 15.80 14.00
N ILE H 98 2.23 15.61 15.00
CA ILE H 98 2.58 14.26 15.44
C ILE H 98 1.36 13.57 16.03
N GLN H 99 0.55 14.29 16.81
CA GLN H 99 -0.65 13.71 17.39
C GLN H 99 -1.66 13.29 16.32
N THR H 100 -1.87 14.15 15.33
CA THR H 100 -2.80 13.80 14.25
C THR H 100 -2.28 12.64 13.43
N ALA H 101 -0.97 12.61 13.16
CA ALA H 101 -0.39 11.47 12.44
C ALA H 101 -0.53 10.19 13.24
N VAL H 102 -0.37 10.26 14.57
CA VAL H 102 -0.51 9.08 15.41
C VAL H 102 -1.94 8.56 15.39
N ARG H 103 -2.91 9.47 15.54
CA ARG H 103 -4.30 9.01 15.53
C ARG H 103 -4.79 8.66 14.13
N LEU H 104 -4.06 9.02 13.09
CA LEU H 104 -4.37 8.51 11.76
C LEU H 104 -3.80 7.11 11.55
N LEU H 105 -2.52 6.93 11.85
CA LEU H 105 -1.86 5.67 11.54
C LEU H 105 -2.23 4.58 12.54
N LEU H 106 -2.30 4.92 13.82
CA LEU H 106 -2.53 3.87 14.80
C LEU H 106 -4.03 3.60 14.95
N PRO H 107 -4.41 2.34 15.15
CA PRO H 107 -5.84 2.02 15.24
C PRO H 107 -6.37 2.00 16.67
N GLY H 108 -7.53 2.63 16.87
CA GLY H 108 -8.33 2.41 18.07
C GLY H 108 -7.62 2.72 19.37
N GLU H 109 -7.66 1.74 20.28
CA GLU H 109 -7.11 1.91 21.62
C GLU H 109 -5.61 2.16 21.58
N LEU H 110 -4.91 1.60 20.58
CA LEU H 110 -3.50 1.87 20.41
C LEU H 110 -3.28 3.36 20.17
N ALA H 111 -4.07 3.96 19.28
CA ALA H 111 -3.97 5.39 19.01
C ALA H 111 -4.35 6.21 20.25
N LYS H 112 -5.39 5.79 20.97
CA LYS H 112 -5.82 6.54 22.15
C LYS H 112 -4.72 6.57 23.20
N HIS H 113 -4.14 5.41 23.50
CA HIS H 113 -3.10 5.35 24.52
C HIS H 113 -1.82 6.04 24.05
N ALA H 114 -1.50 5.94 22.76
CA ALA H 114 -0.33 6.66 22.25
C ALA H 114 -0.51 8.16 22.35
N VAL H 115 -1.72 8.65 22.05
CA VAL H 115 -2.00 10.08 22.19
C VAL H 115 -1.89 10.50 23.65
N SER H 116 -2.41 9.67 24.57
CA SER H 116 -2.31 10.01 25.98
C SER H 116 -0.85 10.07 26.45
N GLU H 117 -0.04 9.09 26.02
CA GLU H 117 1.36 9.07 26.41
C GLU H 117 2.11 10.27 25.84
N GLY H 118 1.89 10.59 24.56
CA GLY H 118 2.56 11.73 23.97
C GLY H 118 2.15 13.04 24.62
N THR H 119 0.86 13.19 24.91
CA THR H 119 0.38 14.41 25.56
C THR H 119 0.97 14.56 26.94
N LYS H 120 1.00 13.48 27.73
CA LYS H 120 1.55 13.58 29.07
C LYS H 120 3.05 13.85 29.04
N ALA H 121 3.74 13.29 28.04
CA ALA H 121 5.18 13.55 27.92
C ALA H 121 5.44 14.99 27.54
N VAL H 122 4.64 15.55 26.63
CA VAL H 122 4.81 16.94 26.24
C VAL H 122 4.51 17.87 27.42
N THR H 123 3.45 17.59 28.17
CA THR H 123 3.12 18.42 29.32
C THR H 123 4.19 18.31 30.41
N LYS H 124 4.75 17.13 30.63
CA LYS H 124 5.84 16.96 31.58
C LYS H 124 7.12 17.66 31.11
N TYR H 125 7.40 17.64 29.81
CA TYR H 125 8.58 18.31 29.28
C TYR H 125 8.46 19.82 29.34
N THR H 126 7.26 20.36 29.09
CA THR H 126 7.08 21.81 29.11
C THR H 126 7.29 22.37 30.52
N SER H 127 6.83 21.65 31.54
CA SER H 127 7.05 22.09 32.91
C SER H 127 8.54 22.11 33.26
N ALA H 128 9.29 21.12 32.78
CA ALA H 128 10.71 21.06 33.02
C ALA H 128 11.49 21.52 31.79
#